data_3FST
#
_entry.id   3FST
#
_cell.length_a   103.057
_cell.length_b   128.157
_cell.length_c   98.314
_cell.angle_alpha   90.00
_cell.angle_beta   121.97
_cell.angle_gamma   90.00
#
_symmetry.space_group_name_H-M   'C 1 2 1'
#
loop_
_entity.id
_entity.type
_entity.pdbx_description
1 polymer '5,10-methylenetetrahydrofolate reductase'
2 non-polymer 'FLAVIN-ADENINE DINUCLEOTIDE'
3 non-polymer MESO-ERYTHRITOL
4 non-polymer 'SULFATE ION'
5 water water
#
_entity_poly.entity_id   1
_entity_poly.type   'polypeptide(L)'
_entity_poly.pdbx_seq_one_letter_code
;MSFFHASQRDALNQSLAEVQGQINVSFEFFPPRTSEMEQTLWNSIDRLSSLKPKFVSVTYGANSGERDRTHSIIKGIKDR
TGLEAAPHLTCIDATPDELRTIARDYWNNGIRHIVALRGDLPPGSGKPEMYASDLVTLLKEVADFDISVAAYPEVHPEAK
SAQADLLNLKRKVDAGANRAITQFFFDVESYLRFRDRCVSAGIDVEIIPGILPVSNFKQAKKLADMTNVRIPAWMAQMFD
GLDDDAETRKLVGANIAMDMVKILSREGVKDFHFYTLNRAEMSYAICHTLGVRPGLLEHHHHHH
;
_entity_poly.pdbx_strand_id   A,C,E
#
# COMPACT_ATOMS: atom_id res chain seq x y z
N PHE A 3 6.16 -6.74 -17.52
CA PHE A 3 5.86 -5.48 -18.19
C PHE A 3 5.81 -4.33 -17.18
N PHE A 4 6.98 -3.79 -16.85
CA PHE A 4 7.10 -2.75 -15.84
C PHE A 4 6.20 -1.55 -16.10
N HIS A 5 6.31 -0.97 -17.29
CA HIS A 5 5.58 0.25 -17.63
C HIS A 5 4.07 0.11 -17.40
N ALA A 6 3.52 -1.03 -17.81
CA ALA A 6 2.09 -1.27 -17.63
C ALA A 6 1.73 -1.39 -16.14
N SER A 7 2.51 -2.19 -15.42
CA SER A 7 2.30 -2.37 -13.99
C SER A 7 2.39 -1.05 -13.22
N GLN A 8 3.39 -0.24 -13.55
CA GLN A 8 3.58 1.04 -12.88
C GLN A 8 2.37 1.96 -13.08
N ARG A 9 1.80 1.95 -14.29
CA ARG A 9 0.62 2.75 -14.59
C ARG A 9 -0.57 2.36 -13.72
N ASP A 10 -0.82 1.06 -13.63
CA ASP A 10 -1.98 0.58 -12.88
C ASP A 10 -1.87 0.97 -11.42
N ALA A 11 -0.66 0.80 -10.85
CA ALA A 11 -0.43 1.13 -9.46
C ALA A 11 -0.61 2.63 -9.21
N LEU A 12 -0.09 3.44 -10.12
CA LEU A 12 -0.20 4.88 -10.01
CA LEU A 12 -0.21 4.89 -10.01
C LEU A 12 -1.65 5.34 -10.12
N ASN A 13 -2.39 4.71 -11.04
CA ASN A 13 -3.79 5.04 -11.22
C ASN A 13 -4.63 4.65 -10.00
N GLN A 14 -4.38 3.47 -9.46
CA GLN A 14 -5.13 2.99 -8.31
C GLN A 14 -4.80 3.82 -7.08
N SER A 15 -3.54 4.19 -6.92
CA SER A 15 -3.16 5.05 -5.80
CA SER A 15 -3.15 5.06 -5.81
C SER A 15 -3.87 6.39 -5.91
N LEU A 16 -3.97 6.92 -7.13
CA LEU A 16 -4.69 8.17 -7.31
C LEU A 16 -6.14 8.00 -6.88
N ALA A 17 -6.74 6.86 -7.23
CA ALA A 17 -8.15 6.65 -6.92
C ALA A 17 -8.40 6.66 -5.42
N GLU A 18 -7.44 6.18 -4.66
CA GLU A 18 -7.63 6.01 -3.22
C GLU A 18 -7.35 7.30 -2.46
N VAL A 19 -7.01 8.35 -3.20
CA VAL A 19 -6.66 9.64 -2.62
C VAL A 19 -7.91 10.47 -2.33
N GLN A 20 -9.04 10.07 -2.90
CA GLN A 20 -10.31 10.78 -2.74
C GLN A 20 -10.51 11.26 -1.31
N GLY A 21 -10.85 12.54 -1.18
CA GLY A 21 -11.15 13.12 0.12
C GLY A 21 -9.95 13.67 0.86
N GLN A 22 -8.75 13.53 0.31
CA GLN A 22 -7.55 13.91 1.02
C GLN A 22 -6.84 15.13 0.45
N ILE A 23 -7.22 15.50 -0.78
CA ILE A 23 -6.53 16.58 -1.49
C ILE A 23 -7.22 17.91 -1.27
N ASN A 24 -6.43 18.93 -0.91
CA ASN A 24 -6.88 20.30 -0.80
C ASN A 24 -6.48 21.05 -2.06
N VAL A 25 -7.35 21.92 -2.54
CA VAL A 25 -7.07 22.71 -3.73
C VAL A 25 -7.41 24.18 -3.55
N SER A 26 -6.72 25.02 -4.32
CA SER A 26 -7.03 26.43 -4.37
C SER A 26 -6.99 26.88 -5.82
N PHE A 27 -7.70 27.96 -6.12
CA PHE A 27 -7.76 28.47 -7.49
C PHE A 27 -7.39 29.93 -7.52
N GLU A 28 -6.57 30.29 -8.49
CA GLU A 28 -6.19 31.67 -8.72
C GLU A 28 -6.92 32.27 -9.90
N PHE A 29 -7.47 33.48 -9.72
CA PHE A 29 -8.17 34.20 -10.78
C PHE A 29 -7.52 35.54 -10.99
N PHE A 30 -7.83 36.19 -12.11
CA PHE A 30 -7.36 37.55 -12.32
C PHE A 30 -8.55 38.50 -12.60
N PRO A 31 -8.37 39.80 -12.35
CA PRO A 31 -9.52 40.69 -12.60
C PRO A 31 -9.86 40.82 -14.09
N PRO A 32 -11.12 40.52 -14.45
CA PRO A 32 -11.58 40.56 -15.85
C PRO A 32 -11.40 41.95 -16.43
N ARG A 33 -11.12 42.04 -17.71
CA ARG A 33 -10.87 43.33 -18.35
CA ARG A 33 -10.87 43.33 -18.35
C ARG A 33 -11.95 43.70 -19.36
N THR A 34 -12.86 42.76 -19.61
CA THR A 34 -13.96 43.01 -20.52
C THR A 34 -15.22 42.38 -19.97
N SER A 35 -16.37 42.77 -20.50
CA SER A 35 -17.62 42.20 -20.03
C SER A 35 -17.64 40.70 -20.31
N GLU A 36 -17.08 40.31 -21.44
CA GLU A 36 -17.01 38.89 -21.80
C GLU A 36 -16.19 38.09 -20.80
N MET A 37 -15.02 38.61 -20.40
CA MET A 37 -14.20 37.94 -19.41
C MET A 37 -14.87 37.96 -18.04
N GLU A 38 -15.62 39.03 -17.77
CA GLU A 38 -16.32 39.11 -16.49
C GLU A 38 -17.31 37.94 -16.40
N GLN A 39 -18.04 37.73 -17.49
CA GLN A 39 -19.00 36.65 -17.54
C GLN A 39 -18.33 35.29 -17.36
N THR A 40 -17.25 35.07 -18.09
CA THR A 40 -16.47 33.85 -17.98
C THR A 40 -16.00 33.60 -16.54
N LEU A 41 -15.46 34.64 -15.91
CA LEU A 41 -14.95 34.49 -14.55
C LEU A 41 -16.03 34.02 -13.59
N TRP A 42 -17.19 34.66 -13.61
CA TRP A 42 -18.23 34.28 -12.66
C TRP A 42 -18.77 32.88 -12.93
N ASN A 43 -18.82 32.49 -14.21
CA ASN A 43 -19.16 31.13 -14.56
C ASN A 43 -18.16 30.16 -13.93
N SER A 44 -16.88 30.51 -14.04
CA SER A 44 -15.81 29.67 -13.51
C SER A 44 -15.83 29.60 -11.98
N ILE A 45 -16.13 30.74 -11.35
CA ILE A 45 -16.20 30.80 -9.90
C ILE A 45 -17.35 29.91 -9.41
N ASP A 46 -18.50 29.97 -10.07
CA ASP A 46 -19.62 29.13 -9.67
C ASP A 46 -19.25 27.65 -9.81
N ARG A 47 -18.61 27.31 -10.93
CA ARG A 47 -18.26 25.93 -11.22
CA ARG A 47 -18.27 25.94 -11.21
C ARG A 47 -17.24 25.39 -10.23
N LEU A 48 -16.16 26.14 -10.02
CA LEU A 48 -15.08 25.69 -9.15
C LEU A 48 -15.41 25.78 -7.66
N SER A 49 -16.31 26.71 -7.30
CA SER A 49 -16.71 26.83 -5.90
C SER A 49 -17.36 25.54 -5.42
N SER A 50 -17.95 24.79 -6.33
CA SER A 50 -18.64 23.56 -5.96
C SER A 50 -17.66 22.50 -5.48
N LEU A 51 -16.37 22.72 -5.78
CA LEU A 51 -15.31 21.81 -5.37
C LEU A 51 -14.78 22.09 -3.96
N LYS A 52 -15.33 23.10 -3.30
CA LYS A 52 -14.93 23.48 -1.94
C LYS A 52 -13.42 23.68 -1.77
N PRO A 53 -12.85 24.61 -2.55
CA PRO A 53 -11.43 24.90 -2.42
C PRO A 53 -11.14 25.48 -1.05
N LYS A 54 -9.95 25.21 -0.56
CA LYS A 54 -9.52 25.73 0.74
C LYS A 54 -9.56 27.27 0.73
N PHE A 55 -9.15 27.83 -0.40
CA PHE A 55 -9.28 29.25 -0.65
C PHE A 55 -9.20 29.50 -2.14
N VAL A 56 -9.58 30.71 -2.55
CA VAL A 56 -9.27 31.19 -3.89
C VAL A 56 -8.52 32.51 -3.76
N SER A 57 -7.83 32.90 -4.81
CA SER A 57 -7.07 34.14 -4.77
C SER A 57 -7.26 34.94 -6.05
N VAL A 58 -6.98 36.24 -5.96
CA VAL A 58 -7.16 37.13 -7.09
C VAL A 58 -5.93 37.99 -7.25
N THR A 59 -5.31 37.90 -8.42
CA THR A 59 -4.07 38.63 -8.67
C THR A 59 -4.24 40.14 -8.72
N TYR A 60 -3.11 40.84 -8.61
CA TYR A 60 -3.09 42.28 -8.80
C TYR A 60 -1.82 42.65 -9.50
N GLY A 61 -1.93 43.27 -10.68
CA GLY A 61 -0.75 43.56 -11.47
C GLY A 61 0.04 44.71 -10.90
N ALA A 62 1.27 44.43 -10.47
CA ALA A 62 2.13 45.50 -9.95
C ALA A 62 2.26 46.63 -10.97
N ASN A 63 2.21 47.86 -10.49
CA ASN A 63 2.43 49.05 -11.32
C ASN A 63 1.24 49.39 -12.22
N SER A 64 0.15 48.66 -12.06
CA SER A 64 -1.02 48.83 -12.94
C SER A 64 -1.94 49.96 -12.50
N GLY A 65 -1.91 50.27 -11.21
CA GLY A 65 -2.79 51.28 -10.66
C GLY A 65 -4.25 50.86 -10.60
N GLU A 66 -4.50 49.56 -10.83
CA GLU A 66 -5.85 49.02 -10.88
C GLU A 66 -6.20 48.17 -9.66
N ARG A 67 -5.67 48.57 -8.50
CA ARG A 67 -5.90 47.82 -7.27
C ARG A 67 -7.38 47.67 -6.93
N ASP A 68 -8.19 48.68 -7.25
CA ASP A 68 -9.60 48.62 -6.88
C ASP A 68 -10.32 47.45 -7.55
N ARG A 69 -9.86 47.08 -8.75
CA ARG A 69 -10.49 45.98 -9.47
C ARG A 69 -10.28 44.67 -8.71
N THR A 70 -9.09 44.49 -8.15
CA THR A 70 -8.80 43.31 -7.35
C THR A 70 -9.69 43.24 -6.12
N HIS A 71 -9.81 44.36 -5.41
CA HIS A 71 -10.62 44.38 -4.20
C HIS A 71 -12.09 44.11 -4.52
N SER A 72 -12.56 44.65 -5.63
CA SER A 72 -13.95 44.49 -6.04
C SER A 72 -14.28 43.04 -6.33
N ILE A 73 -13.36 42.37 -7.02
CA ILE A 73 -13.59 40.97 -7.35
C ILE A 73 -13.56 40.12 -6.08
N ILE A 74 -12.63 40.43 -5.18
CA ILE A 74 -12.55 39.70 -3.92
C ILE A 74 -13.87 39.79 -3.14
N LYS A 75 -14.41 41.00 -2.99
CA LYS A 75 -15.64 41.17 -2.24
C LYS A 75 -16.78 40.38 -2.90
N GLY A 76 -16.84 40.41 -4.23
CA GLY A 76 -17.87 39.70 -4.98
C GLY A 76 -17.84 38.20 -4.75
N ILE A 77 -16.63 37.63 -4.71
CA ILE A 77 -16.45 36.21 -4.45
C ILE A 77 -16.94 35.83 -3.05
N LYS A 78 -16.52 36.58 -2.05
CA LYS A 78 -16.95 36.32 -0.68
C LYS A 78 -18.48 36.41 -0.57
N ASP A 79 -19.06 37.49 -1.11
CA ASP A 79 -20.50 37.70 -1.07
C ASP A 79 -21.27 36.58 -1.77
N ARG A 80 -20.73 36.08 -2.86
CA ARG A 80 -21.43 35.15 -3.73
C ARG A 80 -21.27 33.70 -3.29
N THR A 81 -20.09 33.35 -2.75
CA THR A 81 -19.75 31.96 -2.50
C THR A 81 -19.48 31.63 -1.03
N GLY A 82 -19.15 32.65 -0.24
CA GLY A 82 -18.80 32.43 1.15
C GLY A 82 -17.42 31.79 1.34
N LEU A 83 -16.69 31.65 0.23
CA LEU A 83 -15.35 31.08 0.28
C LEU A 83 -14.34 32.08 0.83
N GLU A 84 -13.24 31.55 1.36
CA GLU A 84 -12.11 32.40 1.70
C GLU A 84 -11.47 32.90 0.41
N ALA A 85 -11.34 34.21 0.29
CA ALA A 85 -10.76 34.78 -0.93
C ALA A 85 -9.57 35.67 -0.56
N ALA A 86 -8.43 35.40 -1.16
CA ALA A 86 -7.19 36.08 -0.79
C ALA A 86 -6.69 37.03 -1.88
N PRO A 87 -6.61 38.32 -1.55
CA PRO A 87 -6.08 39.25 -2.56
C PRO A 87 -4.56 39.06 -2.67
N HIS A 88 -4.03 39.19 -3.87
CA HIS A 88 -2.59 39.33 -4.03
C HIS A 88 -2.25 40.80 -3.79
N LEU A 89 -1.20 41.06 -3.05
CA LEU A 89 -0.81 42.42 -2.72
C LEU A 89 0.67 42.56 -3.01
N THR A 90 1.04 43.61 -3.73
CA THR A 90 2.43 43.80 -4.09
C THR A 90 2.98 45.04 -3.39
N CYS A 91 4.27 45.06 -3.10
CA CYS A 91 4.79 46.19 -2.35
C CYS A 91 5.65 47.09 -3.19
N ILE A 92 5.96 46.66 -4.40
CA ILE A 92 6.90 47.43 -5.22
C ILE A 92 6.32 48.78 -5.61
N ASP A 93 4.98 48.88 -5.57
CA ASP A 93 4.30 50.05 -6.10
C ASP A 93 3.43 50.78 -5.06
N ALA A 94 3.83 50.69 -3.80
CA ALA A 94 3.09 51.34 -2.73
C ALA A 94 4.03 51.61 -1.57
N THR A 95 3.79 52.69 -0.84
CA THR A 95 4.59 52.98 0.33
C THR A 95 4.14 52.12 1.50
N PRO A 96 4.99 51.94 2.50
CA PRO A 96 4.59 51.19 3.69
C PRO A 96 3.31 51.74 4.32
N ASP A 97 3.16 53.06 4.36
CA ASP A 97 1.95 53.64 4.94
C ASP A 97 0.71 53.26 4.15
N GLU A 98 0.80 53.35 2.82
CA GLU A 98 -0.30 52.95 1.97
C GLU A 98 -0.58 51.46 2.21
N LEU A 99 0.48 50.68 2.34
CA LEU A 99 0.32 49.23 2.52
C LEU A 99 -0.37 48.88 3.84
N ARG A 100 -0.02 49.60 4.90
CA ARG A 100 -0.67 49.41 6.20
C ARG A 100 -2.13 49.76 6.13
N THR A 101 -2.45 50.83 5.41
CA THR A 101 -3.84 51.24 5.25
C THR A 101 -4.63 50.18 4.50
N ILE A 102 -4.06 49.71 3.39
CA ILE A 102 -4.71 48.70 2.58
C ILE A 102 -4.92 47.42 3.38
N ALA A 103 -3.91 47.05 4.17
CA ALA A 103 -3.98 45.83 4.97
C ALA A 103 -5.04 45.92 6.06
N ARG A 104 -5.10 47.08 6.72
CA ARG A 104 -6.09 47.30 7.77
CA ARG A 104 -6.10 47.29 7.77
C ARG A 104 -7.50 47.24 7.21
N ASP A 105 -7.70 47.83 6.03
CA ASP A 105 -9.00 47.82 5.40
C ASP A 105 -9.40 46.38 5.04
N TYR A 106 -8.46 45.60 4.50
CA TYR A 106 -8.71 44.18 4.23
C TYR A 106 -9.20 43.47 5.50
N TRP A 107 -8.42 43.57 6.56
CA TRP A 107 -8.75 42.89 7.81
C TRP A 107 -10.13 43.28 8.32
N ASN A 108 -10.40 44.58 8.36
CA ASN A 108 -11.69 45.07 8.81
C ASN A 108 -12.83 44.65 7.89
N ASN A 109 -12.48 44.19 6.68
CA ASN A 109 -13.48 43.73 5.74
C ASN A 109 -13.57 42.20 5.71
N GLY A 110 -12.94 41.57 6.71
CA GLY A 110 -13.01 40.13 6.86
C GLY A 110 -12.10 39.36 5.93
N ILE A 111 -11.09 40.06 5.39
CA ILE A 111 -10.15 39.42 4.47
C ILE A 111 -8.87 39.17 5.26
N ARG A 112 -8.61 37.90 5.59
CA ARG A 112 -7.56 37.59 6.55
C ARG A 112 -6.48 36.66 6.03
N HIS A 113 -6.45 36.48 4.71
CA HIS A 113 -5.40 35.73 4.03
C HIS A 113 -4.98 36.62 2.87
N ILE A 114 -3.69 36.92 2.81
CA ILE A 114 -3.13 37.74 1.76
C ILE A 114 -2.00 36.96 1.09
N VAL A 115 -1.95 37.00 -0.24
CA VAL A 115 -0.78 36.49 -0.95
C VAL A 115 0.18 37.67 -1.12
N ALA A 116 1.28 37.61 -0.40
CA ALA A 116 2.20 38.75 -0.26
C ALA A 116 3.35 38.64 -1.23
N LEU A 117 3.43 39.60 -2.15
CA LEU A 117 4.42 39.54 -3.23
C LEU A 117 5.13 40.85 -3.38
N ARG A 118 6.29 40.80 -4.02
CA ARG A 118 7.03 42.02 -4.33
CA ARG A 118 7.00 42.04 -4.32
C ARG A 118 6.45 42.67 -5.59
N GLY A 119 6.24 41.84 -6.62
CA GLY A 119 5.85 42.32 -7.93
C GLY A 119 7.09 42.61 -8.75
N ASP A 120 6.97 42.68 -10.07
CA ASP A 120 8.11 43.02 -10.91
C ASP A 120 8.50 44.49 -10.78
N LEU A 121 9.78 44.79 -11.01
CA LEU A 121 10.22 46.17 -11.09
C LEU A 121 9.48 46.84 -12.25
N PRO A 122 8.90 48.02 -12.00
CA PRO A 122 8.08 48.76 -12.97
C PRO A 122 8.42 48.47 -14.44
N GLU A 129 13.61 48.86 -3.48
CA GLU A 129 12.99 49.21 -2.21
C GLU A 129 12.60 47.95 -1.44
N MET A 130 11.32 47.85 -1.08
CA MET A 130 10.84 46.70 -0.33
C MET A 130 11.02 45.41 -1.12
N TYR A 131 11.37 44.35 -0.41
CA TYR A 131 11.27 43.00 -0.98
C TYR A 131 10.08 42.33 -0.34
N ALA A 132 9.68 41.17 -0.87
CA ALA A 132 8.47 40.53 -0.37
C ALA A 132 8.54 40.26 1.13
N SER A 133 9.72 39.89 1.62
CA SER A 133 9.90 39.63 3.05
C SER A 133 9.57 40.86 3.91
N ASP A 134 9.85 42.05 3.40
CA ASP A 134 9.49 43.29 4.09
C ASP A 134 7.98 43.46 4.19
N LEU A 135 7.28 43.02 3.14
CA LEU A 135 5.83 43.10 3.14
C LEU A 135 5.26 42.11 4.15
N VAL A 136 5.81 40.90 4.20
CA VAL A 136 5.37 39.90 5.15
C VAL A 136 5.43 40.48 6.57
N THR A 137 6.58 41.03 6.92
CA THR A 137 6.78 41.65 8.24
C THR A 137 5.79 42.79 8.50
N LEU A 138 5.60 43.65 7.50
CA LEU A 138 4.66 44.76 7.62
C LEU A 138 3.23 44.24 7.87
N LEU A 139 2.83 43.19 7.14
CA LEU A 139 1.49 42.67 7.29
C LEU A 139 1.25 42.06 8.67
N LYS A 140 2.23 41.28 9.15
CA LYS A 140 2.11 40.66 10.47
C LYS A 140 2.04 41.71 11.58
N GLU A 141 2.65 42.86 11.36
CA GLU A 141 2.57 43.93 12.35
C GLU A 141 1.17 44.53 12.40
N VAL A 142 0.47 44.50 11.27
CA VAL A 142 -0.89 45.03 11.21
C VAL A 142 -1.89 44.09 11.89
N ALA A 143 -1.80 42.81 11.56
CA ALA A 143 -2.71 41.81 12.13
C ALA A 143 -2.22 40.41 11.83
N ASP A 144 -2.83 39.42 12.48
CA ASP A 144 -2.39 38.04 12.38
C ASP A 144 -2.89 37.35 11.11
N PHE A 145 -2.54 37.92 9.96
CA PHE A 145 -2.97 37.39 8.67
C PHE A 145 -2.42 36.00 8.39
N ASP A 146 -3.19 35.19 7.65
CA ASP A 146 -2.60 34.08 6.92
C ASP A 146 -1.87 34.71 5.73
N ILE A 147 -0.62 34.34 5.52
CA ILE A 147 0.18 34.95 4.47
C ILE A 147 0.82 33.88 3.60
N SER A 148 0.54 33.93 2.29
CA SER A 148 1.15 33.02 1.34
C SER A 148 2.20 33.78 0.54
N VAL A 149 3.31 33.11 0.23
CA VAL A 149 4.37 33.73 -0.55
C VAL A 149 4.84 32.86 -1.73
N ALA A 150 5.47 33.50 -2.70
CA ALA A 150 5.95 32.84 -3.91
C ALA A 150 7.25 32.07 -3.73
N ALA A 151 7.29 30.85 -4.26
CA ALA A 151 8.51 30.04 -4.30
C ALA A 151 8.86 29.70 -5.74
N TYR A 152 10.15 29.52 -6.01
CA TYR A 152 10.61 29.29 -7.39
C TYR A 152 11.49 28.05 -7.53
N PRO A 153 10.89 26.90 -7.85
CA PRO A 153 11.70 25.69 -8.00
C PRO A 153 12.84 25.84 -9.01
N GLU A 154 12.67 26.73 -9.98
CA GLU A 154 13.70 26.91 -11.02
C GLU A 154 14.44 28.24 -10.86
N VAL A 155 14.27 28.85 -9.68
CA VAL A 155 14.98 30.06 -9.26
C VAL A 155 14.41 31.33 -9.91
N HIS A 156 14.08 32.32 -9.09
CA HIS A 156 13.58 33.59 -9.61
C HIS A 156 14.64 34.16 -10.55
N PRO A 157 14.20 34.73 -11.68
CA PRO A 157 15.12 35.25 -12.71
C PRO A 157 16.15 36.25 -12.18
N GLU A 158 15.82 36.99 -11.12
CA GLU A 158 16.72 38.04 -10.64
C GLU A 158 17.64 37.59 -9.50
N ALA A 159 17.47 36.37 -9.03
CA ALA A 159 18.25 35.90 -7.89
C ALA A 159 19.72 35.81 -8.27
N LYS A 160 20.58 36.19 -7.33
CA LYS A 160 22.03 36.11 -7.56
C LYS A 160 22.51 34.66 -7.61
N SER A 161 21.72 33.78 -7.01
CA SER A 161 22.04 32.36 -6.97
C SER A 161 20.84 31.56 -6.48
N ALA A 162 20.86 30.26 -6.70
CA ALA A 162 19.80 29.40 -6.19
C ALA A 162 19.79 29.41 -4.67
N GLN A 163 20.98 29.51 -4.08
CA GLN A 163 21.10 29.52 -2.63
C GLN A 163 20.48 30.78 -2.07
N ALA A 164 20.76 31.91 -2.72
CA ALA A 164 20.26 33.19 -2.26
C ALA A 164 18.74 33.20 -2.34
N ASP A 165 18.20 32.63 -3.40
CA ASP A 165 16.75 32.61 -3.60
C ASP A 165 16.06 31.70 -2.58
N LEU A 166 16.70 30.59 -2.26
CA LEU A 166 16.21 29.66 -1.25
C LEU A 166 16.23 30.30 0.13
N LEU A 167 17.31 30.99 0.45
CA LEU A 167 17.38 31.66 1.75
C LEU A 167 16.38 32.80 1.82
N ASN A 168 16.05 33.35 0.67
CA ASN A 168 15.00 34.36 0.64
C ASN A 168 13.65 33.77 1.00
N LEU A 169 13.34 32.60 0.45
CA LEU A 169 12.10 31.91 0.81
C LEU A 169 12.08 31.67 2.33
N LYS A 170 13.20 31.22 2.88
CA LYS A 170 13.31 31.04 4.32
C LYS A 170 13.04 32.32 5.09
N ARG A 171 13.58 33.43 4.58
CA ARG A 171 13.38 34.75 5.17
C ARG A 171 11.88 35.08 5.21
N LYS A 172 11.17 34.79 4.13
CA LYS A 172 9.75 35.09 4.05
C LYS A 172 8.94 34.23 5.02
N VAL A 173 9.31 32.96 5.12
CA VAL A 173 8.66 32.06 6.07
C VAL A 173 8.95 32.51 7.51
N ASP A 174 10.21 32.82 7.80
CA ASP A 174 10.57 33.26 9.13
C ASP A 174 9.87 34.56 9.52
N ALA A 175 9.57 35.39 8.52
CA ALA A 175 8.88 36.66 8.75
C ALA A 175 7.39 36.47 9.05
N GLY A 176 6.86 35.29 8.75
CA GLY A 176 5.48 35.00 9.08
C GLY A 176 4.65 34.28 8.02
N ALA A 177 5.23 34.01 6.86
CA ALA A 177 4.47 33.36 5.81
C ALA A 177 4.16 31.92 6.22
N ASN A 178 2.90 31.51 6.11
CA ASN A 178 2.57 30.15 6.51
C ASN A 178 2.20 29.22 5.35
N ARG A 179 2.28 29.72 4.13
CA ARG A 179 2.22 28.90 2.92
C ARG A 179 3.24 29.39 1.91
N ALA A 180 3.83 28.46 1.15
CA ALA A 180 4.61 28.81 -0.03
C ALA A 180 3.94 28.20 -1.24
N ILE A 181 3.74 28.98 -2.28
CA ILE A 181 3.10 28.50 -3.51
C ILE A 181 4.09 28.65 -4.65
N THR A 182 4.29 27.59 -5.44
CA THR A 182 5.35 27.67 -6.47
C THR A 182 4.85 28.32 -7.75
N GLN A 183 5.79 28.96 -8.44
CA GLN A 183 5.64 29.28 -9.84
C GLN A 183 5.32 27.95 -10.54
N PHE A 184 4.61 28.01 -11.66
CA PHE A 184 4.32 26.78 -12.39
C PHE A 184 5.62 26.18 -12.95
N PHE A 185 5.56 24.88 -13.24
CA PHE A 185 6.71 24.16 -13.77
C PHE A 185 6.17 23.03 -14.63
N PHE A 186 6.99 22.54 -15.55
CA PHE A 186 6.63 21.38 -16.35
C PHE A 186 7.59 20.21 -16.18
N ASP A 187 8.70 20.48 -15.51
CA ASP A 187 9.71 19.49 -15.14
C ASP A 187 9.38 19.10 -13.70
N VAL A 188 8.70 17.97 -13.55
CA VAL A 188 8.22 17.55 -12.22
C VAL A 188 9.40 17.28 -11.27
N GLU A 189 10.49 16.74 -11.80
CA GLU A 189 11.66 16.49 -10.95
C GLU A 189 12.20 17.79 -10.35
N SER A 190 12.08 18.90 -11.06
CA SER A 190 12.55 20.17 -10.51
CA SER A 190 12.53 20.19 -10.54
C SER A 190 11.80 20.55 -9.24
N TYR A 191 10.48 20.35 -9.24
CA TYR A 191 9.69 20.62 -8.04
C TYR A 191 10.11 19.68 -6.91
N LEU A 192 10.25 18.39 -7.21
CA LEU A 192 10.57 17.45 -6.15
C LEU A 192 11.95 17.72 -5.58
N ARG A 193 12.91 18.06 -6.43
CA ARG A 193 14.24 18.37 -5.93
CA ARG A 193 14.25 18.41 -5.97
C ARG A 193 14.21 19.63 -5.07
N PHE A 194 13.48 20.65 -5.51
CA PHE A 194 13.30 21.87 -4.73
C PHE A 194 12.66 21.59 -3.36
N ARG A 195 11.63 20.76 -3.33
CA ARG A 195 11.00 20.42 -2.06
C ARG A 195 12.02 19.83 -1.08
N ASP A 196 12.87 18.95 -1.58
CA ASP A 196 13.93 18.41 -0.75
C ASP A 196 14.93 19.48 -0.28
N ARG A 197 15.30 20.40 -1.17
CA ARG A 197 16.20 21.47 -0.78
C ARG A 197 15.60 22.38 0.28
N CYS A 198 14.27 22.57 0.21
CA CYS A 198 13.61 23.39 1.22
C CYS A 198 13.76 22.76 2.60
N VAL A 199 13.65 21.44 2.69
CA VAL A 199 13.91 20.76 3.96
C VAL A 199 15.34 20.94 4.40
N SER A 200 16.27 20.82 3.46
CA SER A 200 17.68 21.00 3.82
C SER A 200 17.95 22.38 4.41
N ALA A 201 17.20 23.38 3.97
CA ALA A 201 17.36 24.75 4.44
C ALA A 201 16.51 25.03 5.68
N GLY A 202 15.86 24.00 6.21
CA GLY A 202 15.11 24.16 7.44
C GLY A 202 13.75 24.85 7.30
N ILE A 203 13.20 24.88 6.10
CA ILE A 203 11.90 25.52 5.87
C ILE A 203 10.78 24.53 6.23
N ASP A 204 9.93 24.88 7.18
CA ASP A 204 8.98 23.89 7.71
C ASP A 204 7.56 24.02 7.17
N VAL A 205 7.37 24.88 6.19
CA VAL A 205 6.05 24.98 5.57
C VAL A 205 5.91 24.08 4.33
N GLU A 206 4.69 23.66 4.06
CA GLU A 206 4.49 22.84 2.89
C GLU A 206 4.73 23.71 1.66
N ILE A 207 5.31 23.11 0.62
CA ILE A 207 5.59 23.81 -0.61
C ILE A 207 4.51 23.41 -1.61
N ILE A 208 3.52 24.28 -1.81
CA ILE A 208 2.34 23.94 -2.62
C ILE A 208 2.64 24.16 -4.10
N PRO A 209 2.51 23.11 -4.92
CA PRO A 209 2.79 23.30 -6.35
C PRO A 209 1.69 24.11 -7.03
N GLY A 210 2.11 25.16 -7.73
CA GLY A 210 1.22 25.90 -8.61
C GLY A 210 1.18 25.16 -9.95
N ILE A 211 -0.01 24.85 -10.41
CA ILE A 211 -0.20 24.08 -11.65
C ILE A 211 -0.81 24.98 -12.71
N LEU A 212 -0.17 25.06 -13.87
CA LEU A 212 -0.74 25.78 -15.01
C LEU A 212 -1.22 24.78 -16.06
N PRO A 213 -2.54 24.52 -16.12
CA PRO A 213 -3.07 23.70 -17.21
C PRO A 213 -2.92 24.44 -18.52
N VAL A 214 -2.34 23.79 -19.54
CA VAL A 214 -2.06 24.51 -20.77
C VAL A 214 -3.07 24.20 -21.86
N SER A 215 -3.82 25.22 -22.27
CA SER A 215 -4.70 25.08 -23.44
C SER A 215 -4.19 25.94 -24.59
N ASN A 216 -3.43 26.98 -24.27
CA ASN A 216 -2.82 27.81 -25.31
C ASN A 216 -1.32 27.76 -25.15
N PHE A 217 -0.64 27.02 -26.02
CA PHE A 217 0.79 26.83 -25.85
C PHE A 217 1.61 28.08 -26.15
N LYS A 218 1.21 28.82 -27.19
CA LYS A 218 1.91 30.06 -27.52
C LYS A 218 1.98 30.94 -26.27
N GLN A 219 0.85 31.06 -25.59
CA GLN A 219 0.73 31.90 -24.39
C GLN A 219 1.58 31.34 -23.25
N ALA A 220 1.49 30.03 -23.03
CA ALA A 220 2.26 29.41 -21.97
C ALA A 220 3.76 29.57 -22.22
N LYS A 221 4.18 29.47 -23.48
CA LYS A 221 5.60 29.52 -23.78
C LYS A 221 6.12 30.92 -23.50
N LYS A 222 5.29 31.92 -23.81
CA LYS A 222 5.64 33.32 -23.51
C LYS A 222 5.80 33.51 -22.02
N LEU A 223 4.85 33.01 -21.23
CA LEU A 223 4.93 33.10 -19.77
C LEU A 223 6.17 32.38 -19.25
N ALA A 224 6.39 31.15 -19.71
CA ALA A 224 7.54 30.36 -19.26
C ALA A 224 8.86 31.05 -19.54
N ASP A 225 9.00 31.60 -20.75
CA ASP A 225 10.26 32.24 -21.13
C ASP A 225 10.53 33.48 -20.27
N MET A 226 9.47 34.17 -19.89
CA MET A 226 9.58 35.35 -19.03
C MET A 226 9.98 34.99 -17.60
N THR A 227 9.71 33.76 -17.20
CA THR A 227 9.85 33.38 -15.80
C THR A 227 10.92 32.34 -15.55
N ASN A 228 11.70 32.03 -16.60
CA ASN A 228 12.79 31.08 -16.45
CA ASN A 228 12.78 31.06 -16.53
C ASN A 228 12.29 29.65 -16.22
N VAL A 229 11.07 29.35 -16.65
CA VAL A 229 10.50 28.01 -16.49
C VAL A 229 10.80 27.15 -17.72
N ARG A 230 11.39 25.97 -17.51
CA ARG A 230 11.78 25.13 -18.63
C ARG A 230 10.61 24.35 -19.23
N ILE A 231 10.52 24.37 -20.56
CA ILE A 231 9.57 23.52 -21.26
CA ILE A 231 9.57 23.52 -21.28
C ILE A 231 10.34 22.33 -21.84
N PRO A 232 10.09 21.14 -21.31
CA PRO A 232 10.80 19.97 -21.82
C PRO A 232 10.60 19.83 -23.33
N ALA A 233 11.60 19.30 -24.01
CA ALA A 233 11.48 19.09 -25.44
C ALA A 233 10.26 18.24 -25.82
N TRP A 234 9.93 17.22 -25.03
CA TRP A 234 8.78 16.38 -25.40
C TRP A 234 7.49 17.19 -25.37
N MET A 235 7.41 18.20 -24.50
CA MET A 235 6.22 19.02 -24.38
C MET A 235 6.12 19.99 -25.56
N ALA A 236 7.24 20.61 -25.93
CA ALA A 236 7.26 21.42 -27.13
C ALA A 236 6.79 20.58 -28.34
N GLN A 237 7.27 19.35 -28.45
CA GLN A 237 6.90 18.46 -29.56
C GLN A 237 5.41 18.12 -29.52
N MET A 238 4.89 17.97 -28.30
CA MET A 238 3.49 17.63 -28.12
CA MET A 238 3.48 17.63 -28.13
C MET A 238 2.56 18.74 -28.63
N PHE A 239 3.00 19.98 -28.54
CA PHE A 239 2.15 21.08 -28.99
C PHE A 239 2.47 21.56 -30.40
N ASP A 240 3.54 21.04 -30.97
CA ASP A 240 3.91 21.39 -32.33
C ASP A 240 2.77 21.05 -33.29
N GLY A 241 2.45 21.99 -34.18
CA GLY A 241 1.45 21.77 -35.19
C GLY A 241 0.02 22.05 -34.74
N LEU A 242 -0.16 22.51 -33.51
CA LEU A 242 -1.50 22.71 -32.97
C LEU A 242 -1.93 24.17 -32.87
N ASP A 243 -1.21 25.08 -33.53
CA ASP A 243 -1.52 26.51 -33.44
C ASP A 243 -2.98 26.83 -33.73
N ASP A 244 -3.59 26.11 -34.66
CA ASP A 244 -4.96 26.38 -35.04
C ASP A 244 -5.92 25.26 -34.65
N ASP A 245 -5.56 24.48 -33.64
CA ASP A 245 -6.38 23.35 -33.24
C ASP A 245 -6.62 23.40 -31.74
N ALA A 246 -7.57 24.22 -31.33
CA ALA A 246 -7.83 24.43 -29.92
C ALA A 246 -8.29 23.16 -29.23
N GLU A 247 -9.07 22.35 -29.95
CA GLU A 247 -9.59 21.10 -29.39
C GLU A 247 -8.48 20.14 -29.01
N THR A 248 -7.58 19.87 -29.95
CA THR A 248 -6.47 18.97 -29.66
C THR A 248 -5.57 19.55 -28.56
N ARG A 249 -5.31 20.85 -28.61
CA ARG A 249 -4.48 21.45 -27.56
C ARG A 249 -5.05 21.19 -26.17
N LYS A 250 -6.37 21.31 -26.03
CA LYS A 250 -6.99 21.11 -24.74
C LYS A 250 -6.84 19.66 -24.28
N LEU A 251 -7.05 18.71 -25.17
CA LEU A 251 -6.92 17.31 -24.76
C LEU A 251 -5.48 16.98 -24.39
N VAL A 252 -4.53 17.48 -25.17
CA VAL A 252 -3.10 17.27 -24.91
CA VAL A 252 -3.13 17.18 -24.87
C VAL A 252 -2.66 17.89 -23.59
N GLY A 253 -3.09 19.13 -23.38
CA GLY A 253 -2.78 19.85 -22.15
C GLY A 253 -3.37 19.21 -20.93
N ALA A 254 -4.61 18.72 -21.06
CA ALA A 254 -5.26 18.05 -19.94
C ALA A 254 -4.49 16.80 -19.57
N ASN A 255 -4.06 16.05 -20.57
CA ASN A 255 -3.27 14.85 -20.37
C ASN A 255 -1.98 15.17 -19.60
N ILE A 256 -1.28 16.21 -20.04
CA ILE A 256 -0.04 16.61 -19.36
C ILE A 256 -0.30 16.96 -17.88
N ALA A 257 -1.32 17.78 -17.63
CA ALA A 257 -1.59 18.21 -16.26
C ALA A 257 -2.05 17.05 -15.40
N MET A 258 -2.88 16.17 -15.95
CA MET A 258 -3.34 15.04 -15.17
C MET A 258 -2.18 14.10 -14.80
N ASP A 259 -1.27 13.91 -15.74
CA ASP A 259 -0.08 13.09 -15.50
CA ASP A 259 -0.10 13.07 -15.47
C ASP A 259 0.73 13.73 -14.36
N MET A 260 0.94 15.03 -14.47
CA MET A 260 1.73 15.75 -13.45
C MET A 260 1.14 15.59 -12.05
N VAL A 261 -0.16 15.83 -11.90
CA VAL A 261 -0.71 15.78 -10.53
C VAL A 261 -0.77 14.35 -9.99
N LYS A 262 -0.94 13.37 -10.87
CA LYS A 262 -0.89 11.96 -10.47
C LYS A 262 0.47 11.62 -9.86
N ILE A 263 1.54 12.09 -10.50
CA ILE A 263 2.89 11.84 -10.00
C ILE A 263 3.16 12.58 -8.70
N LEU A 264 2.76 13.84 -8.65
CA LEU A 264 2.93 14.64 -7.45
C LEU A 264 2.18 14.03 -6.28
N SER A 265 0.95 13.59 -6.52
CA SER A 265 0.14 12.99 -5.46
CA SER A 265 0.17 13.03 -5.43
C SER A 265 0.82 11.74 -4.90
N ARG A 266 1.37 10.93 -5.80
CA ARG A 266 2.04 9.71 -5.36
C ARG A 266 3.26 10.04 -4.48
N GLU A 267 3.90 11.18 -4.76
CA GLU A 267 5.06 11.61 -3.98
C GLU A 267 4.65 12.37 -2.72
N GLY A 268 3.36 12.31 -2.37
CA GLY A 268 2.90 12.85 -1.10
C GLY A 268 2.32 14.26 -1.12
N VAL A 269 2.22 14.86 -2.29
CA VAL A 269 1.64 16.20 -2.36
C VAL A 269 0.14 16.10 -2.15
N LYS A 270 -0.39 16.90 -1.23
CA LYS A 270 -1.82 16.87 -0.94
C LYS A 270 -2.46 18.25 -1.03
N ASP A 271 -1.72 19.20 -1.62
CA ASP A 271 -2.20 20.55 -1.84
C ASP A 271 -1.79 21.00 -3.23
N PHE A 272 -2.75 21.55 -3.98
CA PHE A 272 -2.49 22.06 -5.33
C PHE A 272 -3.14 23.41 -5.51
N HIS A 273 -2.42 24.32 -6.15
CA HIS A 273 -2.92 25.66 -6.47
C HIS A 273 -2.99 25.77 -7.99
N PHE A 274 -4.17 26.05 -8.51
CA PHE A 274 -4.36 26.09 -9.97
C PHE A 274 -4.40 27.50 -10.54
N TYR A 275 -3.52 27.73 -11.51
CA TYR A 275 -3.53 28.97 -12.28
C TYR A 275 -4.58 28.82 -13.38
N THR A 276 -5.82 29.19 -13.06
CA THR A 276 -6.96 28.90 -13.94
C THR A 276 -7.01 29.81 -15.15
N LEU A 277 -6.39 30.98 -15.05
CA LEU A 277 -6.58 32.05 -16.03
C LEU A 277 -8.07 32.27 -16.30
N ASN A 278 -8.85 32.09 -15.25
CA ASN A 278 -10.29 32.39 -15.22
C ASN A 278 -11.16 31.38 -15.96
N ARG A 279 -10.54 30.29 -16.40
CA ARG A 279 -11.28 29.23 -17.08
C ARG A 279 -11.40 28.02 -16.15
N ALA A 280 -12.55 27.36 -16.19
CA ALA A 280 -12.80 26.31 -15.21
C ALA A 280 -12.56 24.90 -15.73
N GLU A 281 -12.81 24.68 -17.02
CA GLU A 281 -12.91 23.30 -17.53
C GLU A 281 -11.71 22.41 -17.22
N MET A 282 -10.50 22.88 -17.52
CA MET A 282 -9.33 22.04 -17.32
CA MET A 282 -9.33 22.03 -17.33
C MET A 282 -9.06 21.78 -15.84
N SER A 283 -9.04 22.84 -15.04
CA SER A 283 -8.79 22.66 -13.62
C SER A 283 -9.85 21.78 -12.96
N TYR A 284 -11.11 21.95 -13.37
CA TYR A 284 -12.17 21.15 -12.80
C TYR A 284 -11.92 19.67 -13.08
N ALA A 285 -11.53 19.36 -14.31
CA ALA A 285 -11.30 17.96 -14.70
C ALA A 285 -10.07 17.40 -14.01
N ILE A 286 -9.03 18.22 -13.88
CA ILE A 286 -7.84 17.75 -13.18
C ILE A 286 -8.18 17.46 -11.72
N CYS A 287 -8.95 18.36 -11.10
CA CYS A 287 -9.43 18.10 -9.75
C CYS A 287 -10.23 16.81 -9.66
N HIS A 288 -11.06 16.56 -10.66
CA HIS A 288 -11.85 15.37 -10.66
C HIS A 288 -10.96 14.14 -10.55
N THR A 289 -9.85 14.15 -11.29
CA THR A 289 -8.94 13.00 -11.25
C THR A 289 -8.30 12.82 -9.88
N LEU A 290 -8.12 13.92 -9.15
CA LEU A 290 -7.59 13.87 -7.79
C LEU A 290 -8.66 13.53 -6.73
N GLY A 291 -9.87 13.23 -7.19
CA GLY A 291 -10.95 12.89 -6.28
C GLY A 291 -11.59 14.09 -5.62
N VAL A 292 -11.28 15.27 -6.12
CA VAL A 292 -11.89 16.51 -5.66
C VAL A 292 -13.11 16.80 -6.53
N ARG A 293 -14.29 16.48 -5.99
CA ARG A 293 -15.54 16.46 -6.75
C ARG A 293 -16.67 17.09 -5.93
N PRO A 294 -17.75 17.53 -6.59
CA PRO A 294 -18.86 18.14 -5.85
C PRO A 294 -19.56 17.12 -4.95
N GLN B 22 21.60 -11.63 8.11
CA GLN B 22 21.98 -10.22 8.20
C GLN B 22 20.81 -9.36 8.62
N ILE B 23 19.69 -10.01 8.95
CA ILE B 23 18.48 -9.31 9.35
C ILE B 23 18.31 -9.31 10.88
N ASN B 24 18.12 -8.12 11.44
CA ASN B 24 17.85 -7.97 12.87
C ASN B 24 16.37 -7.74 13.07
N VAL B 25 15.82 -8.28 14.16
CA VAL B 25 14.43 -8.04 14.51
C VAL B 25 14.28 -7.58 15.95
N SER B 26 13.19 -6.86 16.21
CA SER B 26 12.76 -6.53 17.57
C SER B 26 11.27 -6.76 17.70
N PHE B 27 10.79 -6.95 18.92
CA PHE B 27 9.37 -7.21 19.18
C PHE B 27 8.87 -6.26 20.22
N GLU B 28 7.69 -5.69 20.00
CA GLU B 28 7.04 -4.77 20.92
C GLU B 28 5.90 -5.47 21.61
N PHE B 29 5.81 -5.31 22.93
CA PHE B 29 4.75 -5.89 23.73
C PHE B 29 4.06 -4.76 24.50
N PHE B 30 2.90 -5.06 25.09
CA PHE B 30 2.24 -4.12 26.00
C PHE B 30 1.95 -4.75 27.36
N PRO B 31 1.82 -3.93 28.40
CA PRO B 31 1.61 -4.54 29.72
C PRO B 31 0.23 -5.18 29.85
N PRO B 32 0.19 -6.47 30.19
CA PRO B 32 -1.12 -7.13 30.28
C PRO B 32 -1.98 -6.51 31.36
N ARG B 33 -3.29 -6.42 31.13
CA ARG B 33 -4.21 -5.88 32.12
C ARG B 33 -5.10 -6.94 32.77
N THR B 34 -5.05 -8.17 32.28
CA THR B 34 -5.81 -9.27 32.86
C THR B 34 -4.90 -10.48 33.02
N SER B 35 -5.34 -11.39 33.88
CA SER B 35 -4.60 -12.63 34.13
CA SER B 35 -4.59 -12.62 34.12
CA SER B 35 -4.62 -12.63 34.13
C SER B 35 -4.45 -13.42 32.83
N GLU B 36 -5.52 -13.46 32.03
CA GLU B 36 -5.47 -14.17 30.76
C GLU B 36 -4.40 -13.59 29.85
N MET B 37 -4.38 -12.26 29.70
CA MET B 37 -3.39 -11.63 28.84
C MET B 37 -1.98 -11.80 29.41
N GLU B 38 -1.85 -11.87 30.72
CA GLU B 38 -0.54 -12.03 31.34
C GLU B 38 0.04 -13.37 30.92
N GLN B 39 -0.79 -14.41 30.95
CA GLN B 39 -0.37 -15.74 30.52
CA GLN B 39 -0.35 -15.73 30.53
C GLN B 39 0.06 -15.73 29.05
N THR B 40 -0.76 -15.10 28.22
CA THR B 40 -0.44 -15.02 26.79
C THR B 40 0.92 -14.38 26.54
N LEU B 41 1.17 -13.26 27.22
CA LEU B 41 2.42 -12.55 27.01
C LEU B 41 3.64 -13.40 27.33
N TRP B 42 3.65 -14.05 28.49
CA TRP B 42 4.84 -14.83 28.86
C TRP B 42 5.06 -16.02 27.91
N ASN B 43 3.97 -16.61 27.42
CA ASN B 43 4.07 -17.64 26.38
C ASN B 43 4.73 -17.04 25.14
N SER B 44 4.30 -15.84 24.75
CA SER B 44 4.86 -15.20 23.57
C SER B 44 6.31 -14.81 23.74
N ILE B 45 6.68 -14.34 24.92
CA ILE B 45 8.07 -13.96 25.15
CA ILE B 45 8.07 -13.97 25.20
C ILE B 45 8.98 -15.18 25.04
N ASP B 46 8.56 -16.31 25.60
CA ASP B 46 9.40 -17.52 25.51
C ASP B 46 9.57 -17.94 24.06
N ARG B 47 8.50 -17.87 23.29
CA ARG B 47 8.52 -18.25 21.90
C ARG B 47 9.43 -17.34 21.09
N LEU B 48 9.27 -16.04 21.27
CA LEU B 48 10.00 -15.09 20.45
C LEU B 48 11.44 -14.88 20.91
N SER B 49 11.72 -15.09 22.20
CA SER B 49 13.08 -14.96 22.69
C SER B 49 14.03 -15.91 21.98
N SER B 50 13.52 -17.06 21.55
CA SER B 50 14.36 -18.05 20.87
C SER B 50 14.90 -17.53 19.53
N LEU B 51 14.32 -16.45 19.02
CA LEU B 51 14.79 -15.87 17.76
C LEU B 51 15.91 -14.85 17.95
N LYS B 52 16.33 -14.65 19.20
CA LYS B 52 17.43 -13.72 19.52
C LYS B 52 17.23 -12.33 18.92
N PRO B 53 16.10 -11.70 19.25
CA PRO B 53 15.88 -10.32 18.78
C PRO B 53 16.99 -9.42 19.33
N LYS B 54 17.33 -8.37 18.58
CA LYS B 54 18.31 -7.40 19.03
C LYS B 54 17.85 -6.72 20.31
N PHE B 55 16.55 -6.44 20.37
CA PHE B 55 15.93 -5.94 21.60
C PHE B 55 14.44 -6.21 21.53
N VAL B 56 13.78 -6.06 22.66
CA VAL B 56 12.33 -6.04 22.71
C VAL B 56 11.94 -4.77 23.45
N SER B 57 10.70 -4.35 23.29
CA SER B 57 10.26 -3.12 23.95
C SER B 57 8.87 -3.31 24.51
N VAL B 58 8.52 -2.46 25.47
CA VAL B 58 7.23 -2.55 26.13
C VAL B 58 6.60 -1.17 26.19
N THR B 59 5.37 -1.08 25.69
CA THR B 59 4.70 0.20 25.57
C THR B 59 4.20 0.74 26.91
N TYR B 60 3.84 2.02 26.89
CA TYR B 60 3.32 2.71 28.07
C TYR B 60 1.95 3.30 27.78
N GLY B 61 1.04 3.18 28.74
CA GLY B 61 -0.27 3.81 28.65
C GLY B 61 -0.55 4.52 29.97
N ALA B 62 -0.72 5.83 29.93
CA ALA B 62 -0.95 6.60 31.14
C ALA B 62 -2.17 6.12 31.92
N ASN B 63 -3.20 5.71 31.19
CA ASN B 63 -4.45 5.25 31.78
C ASN B 63 -4.68 3.76 31.59
N SER B 64 -3.65 3.03 31.17
CA SER B 64 -3.83 1.62 30.92
C SER B 64 -2.70 0.83 31.55
N GLY B 65 -2.20 1.29 32.69
CA GLY B 65 -1.20 0.52 33.40
C GLY B 65 -0.08 1.31 34.04
N GLU B 66 0.20 2.50 33.49
CA GLU B 66 1.18 3.44 34.06
C GLU B 66 2.63 2.97 33.88
N ARG B 67 3.57 3.80 34.35
CA ARG B 67 4.99 3.46 34.23
C ARG B 67 5.35 2.20 34.99
N ASP B 68 4.72 1.98 36.14
CA ASP B 68 5.10 0.83 36.99
C ASP B 68 4.82 -0.49 36.28
N ARG B 69 3.69 -0.58 35.58
CA ARG B 69 3.43 -1.83 34.86
C ARG B 69 4.39 -2.02 33.67
N THR B 70 4.68 -0.96 32.94
CA THR B 70 5.65 -1.04 31.87
C THR B 70 7.00 -1.52 32.43
N HIS B 71 7.43 -0.92 33.53
CA HIS B 71 8.70 -1.29 34.13
C HIS B 71 8.69 -2.72 34.64
N SER B 72 7.59 -3.14 35.24
CA SER B 72 7.51 -4.52 35.75
CA SER B 72 7.51 -4.52 35.75
C SER B 72 7.76 -5.54 34.63
N ILE B 73 7.12 -5.30 33.48
CA ILE B 73 7.26 -6.24 32.37
C ILE B 73 8.68 -6.20 31.83
N ILE B 74 9.26 -5.00 31.73
CA ILE B 74 10.65 -4.88 31.30
C ILE B 74 11.56 -5.70 32.23
N LYS B 75 11.41 -5.52 33.53
CA LYS B 75 12.27 -6.24 34.47
C LYS B 75 12.05 -7.74 34.35
N GLY B 76 10.79 -8.14 34.22
CA GLY B 76 10.47 -9.54 34.07
C GLY B 76 11.12 -10.16 32.83
N ILE B 77 11.10 -9.43 31.72
CA ILE B 77 11.72 -9.91 30.48
C ILE B 77 13.22 -10.04 30.68
N LYS B 78 13.84 -9.04 31.29
CA LYS B 78 15.27 -9.09 31.51
C LYS B 78 15.65 -10.29 32.37
N ASP B 79 14.96 -10.47 33.50
CA ASP B 79 15.27 -11.56 34.43
C ASP B 79 15.07 -12.92 33.77
N ARG B 80 14.02 -13.02 32.98
CA ARG B 80 13.62 -14.33 32.44
C ARG B 80 14.47 -14.74 31.25
N THR B 81 14.88 -13.77 30.43
CA THR B 81 15.45 -14.06 29.11
C THR B 81 16.86 -13.49 28.87
N GLY B 82 17.26 -12.51 29.66
CA GLY B 82 18.53 -11.84 29.44
C GLY B 82 18.57 -10.91 28.23
N LEU B 83 17.43 -10.74 27.56
CA LEU B 83 17.37 -9.87 26.38
C LEU B 83 17.45 -8.41 26.78
N GLU B 84 17.90 -7.56 25.84
CA GLU B 84 17.82 -6.13 26.04
C GLU B 84 16.36 -5.74 25.88
N ALA B 85 15.81 -5.08 26.89
CA ALA B 85 14.40 -4.73 26.92
C ALA B 85 14.27 -3.24 27.18
N ALA B 86 13.63 -2.55 26.23
CA ALA B 86 13.55 -1.08 26.26
C ALA B 86 12.14 -0.63 26.63
N PRO B 87 12.01 0.12 27.73
CA PRO B 87 10.68 0.67 28.03
C PRO B 87 10.38 1.83 27.09
N HIS B 88 9.11 1.99 26.73
CA HIS B 88 8.68 3.22 26.07
C HIS B 88 8.42 4.23 27.20
N LEU B 89 9.11 5.37 27.14
CA LEU B 89 9.03 6.40 28.19
C LEU B 89 8.52 7.66 27.54
N THR B 90 7.45 8.23 28.09
CA THR B 90 6.87 9.45 27.55
C THR B 90 7.08 10.62 28.48
N CYS B 91 6.79 11.82 28.01
CA CYS B 91 6.94 12.95 28.92
C CYS B 91 5.65 13.63 29.34
N ILE B 92 4.52 13.06 28.94
CA ILE B 92 3.22 13.60 29.32
C ILE B 92 2.98 13.55 30.82
N ASP B 93 2.60 14.69 31.38
CA ASP B 93 2.30 14.81 32.80
C ASP B 93 3.49 14.46 33.70
N ALA B 94 4.69 14.50 33.14
CA ALA B 94 5.89 14.24 33.93
C ALA B 94 6.78 15.50 33.97
N THR B 95 7.37 15.79 35.13
CA THR B 95 8.28 16.93 35.18
C THR B 95 9.68 16.49 34.76
N PRO B 96 10.51 17.44 34.32
CA PRO B 96 11.88 17.07 33.98
C PRO B 96 12.59 16.41 35.15
N ASP B 97 12.44 16.94 36.37
CA ASP B 97 13.08 16.27 37.50
C ASP B 97 12.61 14.81 37.71
N GLU B 98 11.31 14.56 37.54
CA GLU B 98 10.82 13.18 37.64
C GLU B 98 11.50 12.30 36.59
N LEU B 99 11.55 12.79 35.35
CA LEU B 99 12.11 12.03 34.24
C LEU B 99 13.59 11.73 34.47
N ARG B 100 14.32 12.69 35.03
CA ARG B 100 15.72 12.44 35.33
CA ARG B 100 15.72 12.43 35.33
C ARG B 100 15.86 11.37 36.42
N THR B 101 15.02 11.46 37.44
CA THR B 101 15.07 10.47 38.53
C THR B 101 14.74 9.07 38.00
N ILE B 102 13.69 9.00 37.17
CA ILE B 102 13.30 7.74 36.57
C ILE B 102 14.42 7.16 35.69
N ALA B 103 14.99 7.99 34.83
CA ALA B 103 16.06 7.56 33.93
C ALA B 103 17.26 7.02 34.71
N ARG B 104 17.65 7.73 35.75
CA ARG B 104 18.78 7.31 36.57
C ARG B 104 18.52 5.92 37.15
N ASP B 105 17.31 5.73 37.65
CA ASP B 105 16.91 4.47 38.24
C ASP B 105 17.00 3.37 37.19
N TYR B 106 16.47 3.64 36.00
CA TYR B 106 16.49 2.64 34.94
C TYR B 106 17.93 2.27 34.59
N TRP B 107 18.78 3.28 34.43
CA TRP B 107 20.17 3.03 34.05
C TRP B 107 20.90 2.21 35.13
N ASN B 108 20.70 2.59 36.37
CA ASN B 108 21.35 1.89 37.46
C ASN B 108 20.88 0.44 37.59
N ASN B 109 19.71 0.15 37.03
CA ASN B 109 19.16 -1.20 37.07
C ASN B 109 19.37 -1.95 35.76
N GLY B 110 20.29 -1.46 34.95
CA GLY B 110 20.71 -2.13 33.74
C GLY B 110 19.82 -1.92 32.53
N ILE B 111 18.87 -0.99 32.60
CA ILE B 111 18.01 -0.67 31.46
C ILE B 111 18.68 0.45 30.70
N ARG B 112 19.29 0.11 29.56
CA ARG B 112 20.15 1.06 28.86
C ARG B 112 19.70 1.47 27.46
N HIS B 113 18.48 1.06 27.10
CA HIS B 113 17.85 1.42 25.83
C HIS B 113 16.47 1.89 26.22
N ILE B 114 16.09 3.09 25.78
CA ILE B 114 14.76 3.62 26.02
C ILE B 114 14.17 4.05 24.69
N VAL B 115 12.89 3.77 24.49
CA VAL B 115 12.16 4.33 23.35
C VAL B 115 11.54 5.63 23.86
N ALA B 116 12.10 6.76 23.42
CA ALA B 116 11.76 8.08 23.96
C ALA B 116 10.63 8.72 23.14
N LEU B 117 9.51 8.96 23.80
CA LEU B 117 8.30 9.45 23.12
C LEU B 117 7.71 10.66 23.80
N ARG B 118 6.93 11.44 23.05
CA ARG B 118 6.14 12.50 23.69
C ARG B 118 4.95 11.91 24.43
N GLY B 119 4.21 11.02 23.77
CA GLY B 119 3.11 10.33 24.41
C GLY B 119 1.73 10.62 23.85
N ASP B 120 0.89 9.58 23.80
CA ASP B 120 -0.51 9.75 23.40
C ASP B 120 -1.25 10.66 24.37
N GLU B 129 4.04 21.45 26.13
CA GLU B 129 5.16 21.30 27.06
C GLU B 129 6.39 20.76 26.33
N MET B 130 6.95 19.67 26.84
CA MET B 130 8.09 19.01 26.19
C MET B 130 7.64 18.31 24.92
N TYR B 131 8.53 18.29 23.93
CA TYR B 131 8.35 17.41 22.78
C TYR B 131 9.31 16.26 22.93
N ALA B 132 9.22 15.25 22.07
CA ALA B 132 10.10 14.11 22.27
C ALA B 132 11.58 14.50 22.17
N SER B 133 11.90 15.49 21.34
CA SER B 133 13.30 15.89 21.23
C SER B 133 13.81 16.38 22.58
N ASP B 134 12.94 17.01 23.36
CA ASP B 134 13.35 17.49 24.68
C ASP B 134 13.67 16.32 25.60
N LEU B 135 12.90 15.25 25.46
CA LEU B 135 13.15 14.04 26.26
C LEU B 135 14.45 13.37 25.85
N VAL B 136 14.74 13.31 24.56
CA VAL B 136 16.00 12.75 24.08
C VAL B 136 17.18 13.45 24.73
N THR B 137 17.14 14.79 24.67
CA THR B 137 18.20 15.61 25.27
C THR B 137 18.31 15.35 26.76
N LEU B 138 17.18 15.34 27.45
CA LEU B 138 17.18 15.07 28.89
C LEU B 138 17.81 13.72 29.21
N LEU B 139 17.46 12.69 28.45
CA LEU B 139 17.98 11.36 28.70
C LEU B 139 19.49 11.27 28.49
N LYS B 140 19.99 11.86 27.40
CA LYS B 140 21.42 11.80 27.08
C LYS B 140 22.25 12.58 28.13
N GLU B 141 21.65 13.58 28.75
CA GLU B 141 22.28 14.28 29.90
C GLU B 141 22.46 13.36 31.11
N VAL B 142 21.52 12.45 31.31
CA VAL B 142 21.59 11.53 32.42
C VAL B 142 22.67 10.46 32.20
N ALA B 143 22.61 9.82 31.04
CA ALA B 143 23.53 8.73 30.75
C ALA B 143 23.55 8.43 29.25
N ASP B 144 24.53 7.65 28.81
CA ASP B 144 24.70 7.36 27.41
C ASP B 144 23.72 6.26 26.96
N PHE B 145 22.44 6.55 27.06
CA PHE B 145 21.43 5.58 26.65
C PHE B 145 21.43 5.35 25.15
N ASP B 146 21.08 4.12 24.77
CA ASP B 146 20.65 3.84 23.43
CA ASP B 146 20.66 3.89 23.41
C ASP B 146 19.23 4.41 23.37
N ILE B 147 18.93 5.22 22.37
CA ILE B 147 17.60 5.82 22.31
C ILE B 147 16.95 5.58 20.96
N SER B 148 15.71 5.11 20.98
CA SER B 148 14.93 4.96 19.75
C SER B 148 13.79 5.98 19.78
N VAL B 149 13.46 6.54 18.61
CA VAL B 149 12.35 7.49 18.53
C VAL B 149 11.38 7.13 17.42
N ALA B 150 10.20 7.73 17.51
CA ALA B 150 9.11 7.45 16.58
C ALA B 150 9.23 8.24 15.28
N ALA B 151 8.98 7.58 14.15
CA ALA B 151 8.94 8.24 12.85
C ALA B 151 7.62 7.92 12.18
N TYR B 152 7.17 8.81 11.29
CA TYR B 152 5.83 8.67 10.68
C TYR B 152 5.87 8.80 9.17
N PRO B 153 5.91 7.67 8.43
CA PRO B 153 5.97 7.76 6.96
C PRO B 153 4.77 8.50 6.35
N GLU B 154 3.65 8.49 7.04
CA GLU B 154 2.45 9.16 6.55
C GLU B 154 2.09 10.43 7.32
N VAL B 155 3.07 10.94 8.07
CA VAL B 155 3.06 12.21 8.81
C VAL B 155 2.29 12.11 10.13
N HIS B 156 2.91 12.56 11.23
CA HIS B 156 2.19 12.60 12.49
C HIS B 156 0.92 13.44 12.35
N PRO B 157 -0.20 12.97 12.92
CA PRO B 157 -1.49 13.63 12.70
C PRO B 157 -1.50 15.11 13.09
N GLU B 158 -0.64 15.54 14.02
CA GLU B 158 -0.66 16.92 14.50
C GLU B 158 0.38 17.82 13.86
N ALA B 159 1.23 17.26 13.00
CA ALA B 159 2.28 18.07 12.37
C ALA B 159 1.65 19.16 11.49
N LYS B 160 2.26 20.34 11.46
CA LYS B 160 1.75 21.39 10.59
C LYS B 160 2.05 21.13 9.12
N SER B 161 3.03 20.27 8.85
CA SER B 161 3.31 19.85 7.48
C SER B 161 4.19 18.62 7.46
N ALA B 162 4.25 17.94 6.31
CA ALA B 162 5.17 16.82 6.19
C ALA B 162 6.61 17.31 6.37
N GLN B 163 6.89 18.51 5.86
CA GLN B 163 8.23 19.07 5.98
C GLN B 163 8.59 19.26 7.45
N ALA B 164 7.65 19.82 8.20
CA ALA B 164 7.90 20.08 9.62
C ALA B 164 8.12 18.78 10.39
N ASP B 165 7.37 17.75 10.02
CA ASP B 165 7.47 16.49 10.77
C ASP B 165 8.83 15.85 10.49
N LEU B 166 9.30 15.98 9.25
CA LEU B 166 10.61 15.43 8.88
C LEU B 166 11.71 16.22 9.60
N LEU B 167 11.60 17.54 9.64
CA LEU B 167 12.59 18.33 10.39
C LEU B 167 12.57 17.98 11.89
N ASN B 168 11.41 17.64 12.42
CA ASN B 168 11.33 17.18 13.80
C ASN B 168 12.09 15.86 14.03
N LEU B 169 11.93 14.92 13.10
CA LEU B 169 12.65 13.65 13.24
C LEU B 169 14.14 13.94 13.25
N LYS B 170 14.58 14.84 12.37
CA LYS B 170 16.00 15.19 12.34
CA LYS B 170 15.98 15.25 12.32
C LYS B 170 16.43 15.83 13.66
N ARG B 171 15.57 16.66 14.25
CA ARG B 171 15.87 17.23 15.56
C ARG B 171 16.07 16.12 16.61
N LYS B 172 15.20 15.12 16.58
CA LYS B 172 15.32 14.03 17.54
C LYS B 172 16.61 13.24 17.34
N VAL B 173 16.97 12.98 16.09
CA VAL B 173 18.21 12.28 15.79
C VAL B 173 19.41 13.11 16.20
N ASP B 174 19.40 14.39 15.85
CA ASP B 174 20.52 15.28 16.22
C ASP B 174 20.67 15.41 17.74
N ALA B 175 19.57 15.24 18.47
CA ALA B 175 19.60 15.33 19.92
C ALA B 175 20.22 14.08 20.54
N GLY B 176 20.34 13.03 19.74
CA GLY B 176 20.99 11.81 20.21
C GLY B 176 20.32 10.49 19.92
N ALA B 177 19.18 10.47 19.23
CA ALA B 177 18.53 9.19 18.95
C ALA B 177 19.38 8.40 17.99
N ASN B 178 19.53 7.10 18.23
CA ASN B 178 20.37 6.37 17.29
C ASN B 178 19.62 5.39 16.38
N ARG B 179 18.29 5.35 16.51
CA ARG B 179 17.46 4.75 15.47
C ARG B 179 16.06 5.35 15.51
N ALA B 180 15.38 5.29 14.38
CA ALA B 180 13.97 5.64 14.34
C ALA B 180 13.17 4.37 14.05
N ILE B 181 12.00 4.26 14.67
CA ILE B 181 11.09 3.15 14.43
C ILE B 181 9.80 3.73 13.89
N THR B 182 9.35 3.23 12.73
CA THR B 182 8.16 3.84 12.11
C THR B 182 6.87 3.32 12.69
N GLN B 183 5.88 4.20 12.70
CA GLN B 183 4.48 3.80 12.81
C GLN B 183 4.23 2.73 11.76
N PHE B 184 3.28 1.84 12.02
CA PHE B 184 3.01 0.82 11.00
C PHE B 184 2.42 1.47 9.75
N PHE B 185 2.49 0.72 8.65
CA PHE B 185 1.97 1.19 7.37
C PHE B 185 1.56 -0.04 6.56
N PHE B 186 0.69 0.18 5.59
CA PHE B 186 0.28 -0.91 4.70
C PHE B 186 0.55 -0.61 3.24
N ASP B 187 0.90 0.64 2.97
CA ASP B 187 1.35 1.08 1.66
C ASP B 187 2.87 1.06 1.71
N VAL B 188 3.49 0.01 1.18
CA VAL B 188 4.93 -0.14 1.31
C VAL B 188 5.69 1.02 0.67
N GLU B 189 5.17 1.56 -0.45
CA GLU B 189 5.83 2.69 -1.12
C GLU B 189 5.91 3.89 -0.19
N SER B 190 4.92 4.06 0.69
CA SER B 190 4.95 5.18 1.62
CA SER B 190 4.94 5.17 1.63
C SER B 190 6.17 5.09 2.52
N TYR B 191 6.50 3.87 2.97
CA TYR B 191 7.72 3.72 3.76
C TYR B 191 8.96 4.00 2.89
N LEU B 192 9.00 3.44 1.69
CA LEU B 192 10.19 3.59 0.87
C LEU B 192 10.46 5.05 0.51
N ARG B 193 9.42 5.78 0.13
CA ARG B 193 9.55 7.20 -0.20
C ARG B 193 10.01 7.97 1.04
N PHE B 194 9.48 7.62 2.20
CA PHE B 194 9.83 8.32 3.44
C PHE B 194 11.31 8.09 3.76
N ARG B 195 11.77 6.85 3.61
CA ARG B 195 13.16 6.54 3.88
C ARG B 195 14.06 7.38 2.99
N ASP B 196 13.70 7.48 1.71
CA ASP B 196 14.43 8.34 0.76
C ASP B 196 14.48 9.79 1.23
N ARG B 197 13.36 10.31 1.73
CA ARG B 197 13.34 11.70 2.21
C ARG B 197 14.20 11.87 3.47
N CYS B 198 14.21 10.84 4.32
CA CYS B 198 15.09 10.88 5.50
C CYS B 198 16.54 11.00 5.09
N VAL B 199 16.96 10.19 4.12
CA VAL B 199 18.34 10.20 3.65
C VAL B 199 18.69 11.56 3.04
N SER B 200 17.76 12.10 2.24
CA SER B 200 17.96 13.40 1.62
CA SER B 200 17.97 13.40 1.61
C SER B 200 18.13 14.50 2.66
N ALA B 201 17.44 14.35 3.78
CA ALA B 201 17.47 15.35 4.84
C ALA B 201 18.69 15.17 5.74
N GLY B 202 19.54 14.20 5.41
CA GLY B 202 20.76 13.95 6.16
C GLY B 202 20.54 13.19 7.45
N ILE B 203 19.43 12.47 7.54
CA ILE B 203 19.15 11.65 8.71
C ILE B 203 19.81 10.31 8.46
N ASP B 204 20.86 10.01 9.21
CA ASP B 204 21.76 8.93 8.83
C ASP B 204 21.59 7.65 9.64
N VAL B 205 20.67 7.67 10.60
CA VAL B 205 20.37 6.45 11.36
C VAL B 205 19.39 5.55 10.62
N GLU B 206 19.26 4.31 11.09
CA GLU B 206 18.36 3.39 10.43
C GLU B 206 16.93 3.83 10.66
N ILE B 207 16.12 3.74 9.62
CA ILE B 207 14.69 3.99 9.73
C ILE B 207 14.03 2.61 9.69
N ILE B 208 13.73 2.09 10.87
CA ILE B 208 13.30 0.69 11.00
C ILE B 208 11.80 0.59 10.83
N PRO B 209 11.34 -0.17 9.81
CA PRO B 209 9.90 -0.27 9.65
C PRO B 209 9.25 -1.03 10.81
N GLY B 210 8.20 -0.42 11.38
CA GLY B 210 7.33 -1.10 12.32
C GLY B 210 6.30 -1.89 11.52
N ILE B 211 6.20 -3.18 11.81
CA ILE B 211 5.30 -4.06 11.06
C ILE B 211 4.14 -4.50 11.95
N LEU B 212 2.91 -4.26 11.50
CA LEU B 212 1.72 -4.74 12.22
C LEU B 212 1.10 -5.92 11.48
N PRO B 213 1.37 -7.17 11.95
CA PRO B 213 0.71 -8.32 11.33
C PRO B 213 -0.75 -8.23 11.72
N VAL B 214 -1.66 -8.39 10.77
CA VAL B 214 -3.07 -8.21 11.06
C VAL B 214 -3.82 -9.54 11.18
N SER B 215 -4.35 -9.83 12.36
CA SER B 215 -5.25 -10.97 12.50
C SER B 215 -6.66 -10.52 12.80
N ASN B 216 -6.80 -9.29 13.28
CA ASN B 216 -8.12 -8.71 13.51
C ASN B 216 -8.19 -7.39 12.77
N PHE B 217 -8.94 -7.37 11.68
CA PHE B 217 -8.97 -6.22 10.80
C PHE B 217 -9.78 -5.05 11.40
N LYS B 218 -10.91 -5.35 12.02
CA LYS B 218 -11.68 -4.28 12.65
C LYS B 218 -10.79 -3.49 13.63
N GLN B 219 -9.97 -4.21 14.39
CA GLN B 219 -9.05 -3.58 15.35
C GLN B 219 -7.95 -2.80 14.63
N ALA B 220 -7.41 -3.38 13.57
CA ALA B 220 -6.38 -2.71 12.79
C ALA B 220 -6.91 -1.43 12.14
N LYS B 221 -8.13 -1.50 11.61
CA LYS B 221 -8.71 -0.35 10.92
C LYS B 221 -8.90 0.81 11.89
N LYS B 222 -9.35 0.50 13.10
CA LYS B 222 -9.49 1.52 14.13
C LYS B 222 -8.15 2.17 14.48
N LEU B 223 -7.11 1.36 14.65
CA LEU B 223 -5.78 1.90 14.93
C LEU B 223 -5.31 2.77 13.77
N ALA B 224 -5.54 2.31 12.54
CA ALA B 224 -5.05 3.02 11.35
C ALA B 224 -5.76 4.35 11.18
N ASP B 225 -7.07 4.33 11.37
CA ASP B 225 -7.85 5.55 11.25
C ASP B 225 -7.38 6.62 12.25
N MET B 226 -7.00 6.21 13.45
CA MET B 226 -6.53 7.14 14.49
C MET B 226 -5.14 7.70 14.20
N THR B 227 -4.40 7.06 13.31
CA THR B 227 -2.98 7.40 13.13
C THR B 227 -2.70 7.88 11.70
N ASN B 228 -3.77 8.06 10.94
CA ASN B 228 -3.69 8.49 9.54
C ASN B 228 -2.93 7.56 8.62
N VAL B 229 -2.93 6.27 8.97
CA VAL B 229 -2.28 5.25 8.16
C VAL B 229 -3.24 4.76 7.08
N ARG B 230 -2.80 4.81 5.82
CA ARG B 230 -3.66 4.39 4.72
C ARG B 230 -3.80 2.88 4.61
N ILE B 231 -5.03 2.39 4.49
CA ILE B 231 -5.27 0.99 4.18
CA ILE B 231 -5.30 0.99 4.19
C ILE B 231 -5.64 0.87 2.71
N PRO B 232 -4.78 0.23 1.91
CA PRO B 232 -5.06 0.09 0.48
C PRO B 232 -6.40 -0.58 0.24
N ALA B 233 -7.08 -0.21 -0.84
CA ALA B 233 -8.35 -0.84 -1.13
C ALA B 233 -8.24 -2.38 -1.25
N TRP B 234 -7.15 -2.87 -1.80
CA TRP B 234 -7.03 -4.31 -2.01
C TRP B 234 -7.00 -5.02 -0.64
N MET B 235 -6.47 -4.33 0.37
CA MET B 235 -6.40 -4.91 1.71
C MET B 235 -7.76 -4.90 2.42
N ALA B 236 -8.48 -3.78 2.36
CA ALA B 236 -9.84 -3.76 2.87
C ALA B 236 -10.69 -4.87 2.24
N GLN B 237 -10.53 -5.05 0.93
CA GLN B 237 -11.28 -6.09 0.21
C GLN B 237 -10.87 -7.47 0.68
N MET B 238 -9.59 -7.64 1.01
CA MET B 238 -9.09 -8.93 1.45
C MET B 238 -9.68 -9.36 2.79
N PHE B 239 -10.03 -8.40 3.64
CA PHE B 239 -10.62 -8.75 4.91
C PHE B 239 -12.14 -8.70 4.92
N ASP B 240 -12.73 -8.25 3.81
CA ASP B 240 -14.18 -8.18 3.73
C ASP B 240 -14.80 -9.57 3.90
N GLY B 241 -15.80 -9.66 4.76
CA GLY B 241 -16.54 -10.90 4.94
C GLY B 241 -15.94 -11.86 5.95
N LEU B 242 -14.87 -11.43 6.63
CA LEU B 242 -14.16 -12.31 7.56
C LEU B 242 -14.35 -11.93 9.02
N ASP B 243 -15.33 -11.08 9.31
CA ASP B 243 -15.53 -10.60 10.68
C ASP B 243 -15.66 -11.74 11.69
N ASP B 244 -16.17 -12.87 11.24
CA ASP B 244 -16.38 -14.01 12.14
C ASP B 244 -15.56 -15.24 11.75
N ASP B 245 -14.45 -15.02 11.04
CA ASP B 245 -13.60 -16.12 10.59
C ASP B 245 -12.15 -15.86 10.97
N ALA B 246 -11.82 -16.12 12.22
CA ALA B 246 -10.48 -15.86 12.75
C ALA B 246 -9.39 -16.64 12.02
N GLU B 247 -9.69 -17.88 11.65
CA GLU B 247 -8.72 -18.72 10.97
C GLU B 247 -8.29 -18.14 9.61
N THR B 248 -9.27 -17.77 8.80
CA THR B 248 -8.96 -17.21 7.49
C THR B 248 -8.27 -15.86 7.64
N ARG B 249 -8.69 -15.07 8.62
CA ARG B 249 -8.04 -13.78 8.84
C ARG B 249 -6.57 -13.98 9.12
N LYS B 250 -6.24 -14.99 9.91
CA LYS B 250 -4.85 -15.22 10.25
C LYS B 250 -4.02 -15.57 9.02
N LEU B 251 -4.55 -16.44 8.17
CA LEU B 251 -3.81 -16.90 7.00
C LEU B 251 -3.64 -15.74 6.00
N VAL B 252 -4.69 -14.96 5.82
CA VAL B 252 -4.66 -13.79 4.94
CA VAL B 252 -4.60 -13.84 4.89
C VAL B 252 -3.70 -12.73 5.44
N GLY B 253 -3.77 -12.44 6.74
CA GLY B 253 -2.90 -11.45 7.36
C GLY B 253 -1.44 -11.87 7.30
N ALA B 254 -1.17 -13.16 7.53
CA ALA B 254 0.21 -13.62 7.48
C ALA B 254 0.76 -13.46 6.05
N ASN B 255 -0.05 -13.80 5.06
CA ASN B 255 0.34 -13.61 3.67
C ASN B 255 0.70 -12.15 3.38
N ILE B 256 -0.16 -11.22 3.82
CA ILE B 256 0.09 -9.79 3.61
C ILE B 256 1.42 -9.37 4.25
N ALA B 257 1.65 -9.80 5.49
CA ALA B 257 2.87 -9.40 6.19
C ALA B 257 4.12 -10.05 5.61
N MET B 258 3.99 -11.32 5.21
CA MET B 258 5.14 -11.99 4.60
C MET B 258 5.51 -11.31 3.27
N ASP B 259 4.51 -10.92 2.51
CA ASP B 259 4.73 -10.23 1.25
C ASP B 259 5.44 -8.91 1.51
N MET B 260 4.96 -8.15 2.49
CA MET B 260 5.53 -6.84 2.79
C MET B 260 7.00 -6.95 3.18
N VAL B 261 7.31 -7.88 4.07
CA VAL B 261 8.69 -7.97 4.54
C VAL B 261 9.61 -8.46 3.42
N LYS B 262 9.09 -9.31 2.53
CA LYS B 262 9.85 -9.75 1.38
C LYS B 262 10.25 -8.56 0.49
N ILE B 263 9.28 -7.70 0.18
CA ILE B 263 9.55 -6.51 -0.61
C ILE B 263 10.53 -5.58 0.09
N LEU B 264 10.29 -5.33 1.38
CA LEU B 264 11.17 -4.43 2.11
C LEU B 264 12.61 -4.96 2.14
N SER B 265 12.78 -6.27 2.37
CA SER B 265 14.11 -6.87 2.41
CA SER B 265 14.13 -6.82 2.42
C SER B 265 14.82 -6.73 1.06
N ARG B 266 14.06 -6.91 -0.02
CA ARG B 266 14.59 -6.77 -1.36
C ARG B 266 15.09 -5.34 -1.58
N GLU B 267 14.43 -4.39 -0.92
CA GLU B 267 14.79 -2.96 -1.03
C GLU B 267 15.82 -2.53 0.01
N GLY B 268 16.48 -3.50 0.63
CA GLY B 268 17.63 -3.22 1.47
C GLY B 268 17.35 -3.04 2.95
N VAL B 269 16.10 -3.25 3.37
CA VAL B 269 15.79 -3.19 4.80
C VAL B 269 16.35 -4.42 5.51
N LYS B 270 17.13 -4.20 6.57
CA LYS B 270 17.74 -5.30 7.31
C LYS B 270 17.34 -5.30 8.78
N ASP B 271 16.35 -4.47 9.13
CA ASP B 271 15.85 -4.40 10.50
C ASP B 271 14.34 -4.28 10.47
N PHE B 272 13.66 -5.05 11.33
CA PHE B 272 12.20 -5.02 11.40
C PHE B 272 11.77 -4.99 12.85
N HIS B 273 10.77 -4.18 13.17
CA HIS B 273 10.21 -4.08 14.52
C HIS B 273 8.76 -4.54 14.44
N PHE B 274 8.43 -5.60 15.17
CA PHE B 274 7.08 -6.16 15.08
C PHE B 274 6.16 -5.75 16.20
N TYR B 275 5.01 -5.21 15.80
CA TYR B 275 3.95 -4.89 16.75
C TYR B 275 3.14 -6.17 17.01
N THR B 276 3.59 -6.94 17.99
CA THR B 276 3.03 -8.27 18.25
C THR B 276 1.66 -8.27 18.90
N LEU B 277 1.32 -7.18 19.57
CA LEU B 277 0.14 -7.14 20.43
C LEU B 277 0.07 -8.37 21.34
N ASN B 278 1.26 -8.78 21.79
CA ASN B 278 1.48 -9.84 22.78
C ASN B 278 1.23 -11.26 22.26
N ARG B 279 1.03 -11.38 20.94
CA ARG B 279 0.86 -12.68 20.28
C ARG B 279 2.12 -13.03 19.50
N ALA B 280 2.54 -14.29 19.55
CA ALA B 280 3.79 -14.69 18.91
C ALA B 280 3.62 -15.30 17.52
N GLU B 281 2.51 -15.98 17.26
CA GLU B 281 2.47 -16.90 16.12
C GLU B 281 2.75 -16.21 14.77
N MET B 282 2.09 -15.10 14.52
CA MET B 282 2.28 -14.42 13.24
C MET B 282 3.69 -13.86 13.09
N SER B 283 4.16 -13.12 14.09
CA SER B 283 5.50 -12.57 14.02
C SER B 283 6.57 -13.66 13.90
N TYR B 284 6.38 -14.77 14.61
CA TYR B 284 7.36 -15.84 14.58
C TYR B 284 7.45 -16.40 13.17
N ALA B 285 6.30 -16.59 12.54
CA ALA B 285 6.28 -17.17 11.19
C ALA B 285 6.85 -16.19 10.16
N ILE B 286 6.54 -14.91 10.34
CA ILE B 286 7.09 -13.92 9.42
C ILE B 286 8.60 -13.88 9.54
N CYS B 287 9.09 -13.91 10.78
CA CYS B 287 10.53 -13.98 10.99
C CYS B 287 11.11 -15.22 10.31
N HIS B 288 10.44 -16.35 10.45
CA HIS B 288 10.90 -17.56 9.79
C HIS B 288 11.16 -17.31 8.30
N THR B 289 10.22 -16.65 7.62
CA THR B 289 10.35 -16.42 6.19
C THR B 289 11.50 -15.49 5.84
N LEU B 290 11.88 -14.65 6.80
CA LEU B 290 13.03 -13.77 6.63
C LEU B 290 14.35 -14.49 6.96
N GLY B 291 14.26 -15.77 7.35
CA GLY B 291 15.45 -16.52 7.70
C GLY B 291 15.89 -16.29 9.14
N VAL B 292 15.03 -15.67 9.93
CA VAL B 292 15.30 -15.44 11.35
C VAL B 292 14.68 -16.57 12.15
N ARG B 293 15.53 -17.50 12.61
CA ARG B 293 15.10 -18.77 13.14
C ARG B 293 15.93 -19.12 14.38
N PRO B 294 15.43 -20.06 15.20
CA PRO B 294 16.13 -20.43 16.44
C PRO B 294 17.47 -21.10 16.15
N PHE C 4 10.14 -0.77 -8.26
CA PHE C 4 9.46 -1.65 -9.20
C PHE C 4 8.81 -2.83 -8.48
N HIS C 5 9.52 -3.37 -7.50
CA HIS C 5 9.02 -4.51 -6.73
C HIS C 5 7.74 -4.12 -5.97
N ALA C 6 7.75 -2.97 -5.31
CA ALA C 6 6.59 -2.51 -4.54
C ALA C 6 5.37 -2.28 -5.43
N SER C 7 5.57 -1.47 -6.47
CA SER C 7 4.50 -1.13 -7.41
C SER C 7 3.91 -2.36 -8.09
N GLN C 8 4.75 -3.34 -8.40
CA GLN C 8 4.28 -4.57 -9.04
C GLN C 8 3.34 -5.35 -8.13
N ARG C 9 3.69 -5.45 -6.84
CA ARG C 9 2.87 -6.17 -5.87
C ARG C 9 1.52 -5.49 -5.67
N ASP C 10 1.52 -4.16 -5.62
CA ASP C 10 0.29 -3.41 -5.48
C ASP C 10 -0.64 -3.70 -6.66
N ALA C 11 -0.06 -3.65 -7.87
CA ALA C 11 -0.83 -3.97 -9.09
C ALA C 11 -1.36 -5.40 -9.07
N LEU C 12 -0.51 -6.33 -8.68
CA LEU C 12 -0.89 -7.73 -8.61
C LEU C 12 -2.00 -7.94 -7.59
N ASN C 13 -1.87 -7.31 -6.43
CA ASN C 13 -2.89 -7.45 -5.41
C ASN C 13 -4.23 -6.86 -5.86
N GLN C 14 -4.18 -5.71 -6.53
CA GLN C 14 -5.41 -5.05 -6.96
C GLN C 14 -6.08 -5.82 -8.08
N SER C 15 -5.27 -6.37 -8.98
CA SER C 15 -5.80 -7.21 -10.04
CA SER C 15 -5.77 -7.23 -10.04
C SER C 15 -6.53 -8.42 -9.45
N LEU C 16 -5.96 -9.00 -8.40
CA LEU C 16 -6.58 -10.14 -7.74
C LEU C 16 -7.89 -9.69 -7.10
N ALA C 17 -7.90 -8.49 -6.50
CA ALA C 17 -9.11 -7.99 -5.88
C ALA C 17 -10.24 -7.86 -6.89
N GLU C 18 -9.91 -7.52 -8.14
CA GLU C 18 -10.93 -7.31 -9.16
C GLU C 18 -11.41 -8.55 -9.90
N VAL C 19 -10.75 -9.69 -9.69
CA VAL C 19 -11.22 -10.93 -10.33
C VAL C 19 -12.36 -11.55 -9.55
N GLN C 20 -12.66 -10.97 -8.38
CA GLN C 20 -13.70 -11.49 -7.51
C GLN C 20 -15.00 -11.76 -8.26
N GLY C 21 -15.42 -13.02 -8.26
CA GLY C 21 -16.65 -13.43 -8.90
C GLY C 21 -16.47 -13.97 -10.31
N GLN C 22 -15.25 -14.38 -10.65
CA GLN C 22 -14.97 -14.84 -12.01
C GLN C 22 -14.09 -16.09 -12.05
N ILE C 23 -13.63 -16.53 -10.89
CA ILE C 23 -12.78 -17.71 -10.79
C ILE C 23 -13.63 -18.93 -10.52
N ASN C 24 -13.41 -19.99 -11.30
CA ASN C 24 -14.02 -21.29 -11.04
C ASN C 24 -13.08 -22.13 -10.20
N VAL C 25 -13.60 -22.81 -9.20
CA VAL C 25 -12.77 -23.72 -8.43
C VAL C 25 -13.39 -25.10 -8.30
N SER C 26 -12.53 -26.09 -8.05
CA SER C 26 -13.02 -27.41 -7.75
C SER C 26 -12.24 -27.99 -6.57
N PHE C 27 -12.84 -28.94 -5.87
CA PHE C 27 -12.21 -29.52 -4.70
C PHE C 27 -12.17 -31.02 -4.81
N GLU C 28 -11.01 -31.61 -4.54
CA GLU C 28 -10.80 -33.06 -4.55
C GLU C 28 -10.77 -33.64 -3.12
N PHE C 29 -11.56 -34.70 -2.89
CA PHE C 29 -11.60 -35.39 -1.60
C PHE C 29 -11.25 -36.86 -1.79
N PHE C 30 -10.88 -37.53 -0.69
CA PHE C 30 -10.68 -38.98 -0.73
C PHE C 30 -11.61 -39.70 0.25
N PRO C 31 -11.93 -40.97 -0.03
CA PRO C 31 -12.77 -41.74 0.89
C PRO C 31 -12.11 -41.91 2.27
N PRO C 32 -12.81 -41.51 3.34
CA PRO C 32 -12.21 -41.59 4.67
C PRO C 32 -11.89 -43.03 5.04
N ARG C 33 -10.91 -43.24 5.90
CA ARG C 33 -10.52 -44.59 6.33
C ARG C 33 -10.81 -44.80 7.81
N THR C 34 -11.28 -43.76 8.48
CA THR C 34 -11.64 -43.85 9.89
C THR C 34 -12.86 -43.01 10.20
N SER C 35 -13.48 -43.26 11.34
CA SER C 35 -14.63 -42.49 11.79
C SER C 35 -14.25 -41.02 11.97
N GLU C 36 -13.06 -40.78 12.51
CA GLU C 36 -12.58 -39.41 12.71
C GLU C 36 -12.45 -38.67 11.38
N MET C 37 -11.93 -39.35 10.37
CA MET C 37 -11.76 -38.75 9.05
C MET C 37 -13.10 -38.58 8.34
N GLU C 38 -14.04 -39.48 8.61
CA GLU C 38 -15.39 -39.35 8.06
C GLU C 38 -16.00 -38.02 8.50
N GLN C 39 -15.96 -37.77 9.81
CA GLN C 39 -16.49 -36.52 10.36
C GLN C 39 -15.81 -35.31 9.73
N THR C 40 -14.47 -35.35 9.68
CA THR C 40 -13.69 -34.25 9.11
C THR C 40 -14.10 -33.99 7.66
N LEU C 41 -14.26 -35.06 6.90
CA LEU C 41 -14.61 -34.92 5.49
C LEU C 41 -15.92 -34.16 5.31
N TRP C 42 -16.97 -34.61 5.98
CA TRP C 42 -18.28 -33.99 5.79
C TRP C 42 -18.32 -32.57 6.37
N ASN C 43 -17.49 -32.30 7.37
CA ASN C 43 -17.35 -30.92 7.84
C ASN C 43 -16.72 -30.04 6.76
N SER C 44 -15.68 -30.55 6.11
CA SER C 44 -15.03 -29.83 5.02
C SER C 44 -15.97 -29.66 3.83
N ILE C 45 -16.77 -30.68 3.54
CA ILE C 45 -17.70 -30.60 2.44
C ILE C 45 -18.71 -29.49 2.67
N ASP C 46 -19.19 -29.38 3.91
CA ASP C 46 -20.18 -28.37 4.26
C ASP C 46 -19.58 -26.98 4.19
N ARG C 47 -18.34 -26.85 4.65
CA ARG C 47 -17.64 -25.58 4.65
CA ARG C 47 -17.66 -25.57 4.65
C ARG C 47 -17.31 -25.13 3.23
N LEU C 48 -16.81 -26.05 2.42
CA LEU C 48 -16.39 -25.72 1.06
C LEU C 48 -17.53 -25.57 0.06
N SER C 49 -18.65 -26.26 0.32
CA SER C 49 -19.81 -26.17 -0.56
C SER C 49 -20.36 -24.75 -0.61
N SER C 50 -20.17 -23.99 0.46
CA SER C 50 -20.67 -22.63 0.53
C SER C 50 -19.98 -21.74 -0.49
N LEU C 51 -18.87 -22.25 -1.04
CA LEU C 51 -18.12 -21.52 -2.06
C LEU C 51 -18.64 -21.76 -3.47
N LYS C 52 -19.61 -22.67 -3.59
CA LYS C 52 -20.19 -23.00 -4.89
C LYS C 52 -19.15 -23.41 -5.93
N PRO C 53 -18.37 -24.46 -5.64
CA PRO C 53 -17.39 -24.92 -6.62
C PRO C 53 -18.09 -25.39 -7.88
N LYS C 54 -17.42 -25.30 -9.03
CA LYS C 54 -18.01 -25.76 -10.27
C LYS C 54 -18.28 -27.26 -10.16
N PHE C 55 -17.37 -27.97 -9.51
CA PHE C 55 -17.55 -29.37 -9.20
C PHE C 55 -16.63 -29.80 -8.06
N VAL C 56 -16.95 -30.92 -7.44
CA VAL C 56 -16.04 -31.55 -6.50
C VAL C 56 -15.85 -32.98 -6.97
N SER C 57 -14.74 -33.60 -6.56
CA SER C 57 -14.43 -34.94 -7.04
C SER C 57 -13.95 -35.84 -5.90
N VAL C 58 -14.13 -37.15 -6.08
CA VAL C 58 -13.72 -38.10 -5.05
C VAL C 58 -12.81 -39.18 -5.64
N THR C 59 -11.63 -39.32 -5.08
CA THR C 59 -10.63 -40.27 -5.56
C THR C 59 -11.06 -41.72 -5.44
N TYR C 60 -10.40 -42.57 -6.21
CA TYR C 60 -10.66 -44.00 -6.22
C TYR C 60 -9.33 -44.73 -6.24
N THR C 70 -16.35 -44.87 -2.75
CA THR C 70 -16.30 -43.73 -3.67
C THR C 70 -17.70 -43.39 -4.19
N HIS C 71 -18.36 -44.39 -4.75
CA HIS C 71 -19.71 -44.21 -5.29
C HIS C 71 -20.66 -43.68 -4.23
N SER C 72 -20.52 -44.17 -3.01
CA SER C 72 -21.35 -43.74 -1.90
C SER C 72 -21.10 -42.26 -1.59
N ILE C 73 -19.84 -41.91 -1.40
CA ILE C 73 -19.46 -40.53 -1.12
C ILE C 73 -20.01 -39.59 -2.18
N ILE C 74 -19.88 -39.97 -3.44
CA ILE C 74 -20.39 -39.16 -4.54
C ILE C 74 -21.88 -38.91 -4.38
N LYS C 75 -22.64 -39.96 -4.08
CA LYS C 75 -24.08 -39.83 -3.91
C LYS C 75 -24.42 -38.98 -2.69
N GLY C 76 -23.73 -39.25 -1.58
CA GLY C 76 -23.91 -38.47 -0.37
C GLY C 76 -23.67 -36.99 -0.60
N ILE C 77 -22.62 -36.68 -1.35
CA ILE C 77 -22.30 -35.29 -1.69
C ILE C 77 -23.40 -34.67 -2.56
N LYS C 78 -23.89 -35.44 -3.51
CA LYS C 78 -24.90 -34.96 -4.45
C LYS C 78 -26.22 -34.66 -3.73
N ASP C 79 -26.61 -35.53 -2.82
CA ASP C 79 -27.87 -35.38 -2.09
C ASP C 79 -27.76 -34.30 -1.01
N ARG C 80 -26.59 -34.19 -0.41
CA ARG C 80 -26.38 -33.31 0.72
C ARG C 80 -26.23 -31.84 0.32
N THR C 81 -25.76 -31.60 -0.91
CA THR C 81 -25.38 -30.26 -1.32
C THR C 81 -25.90 -29.89 -2.70
N GLY C 82 -26.20 -30.90 -3.51
CA GLY C 82 -26.67 -30.66 -4.86
C GLY C 82 -25.56 -30.15 -5.77
N LEU C 83 -24.32 -30.44 -5.38
CA LEU C 83 -23.17 -30.04 -6.19
C LEU C 83 -22.85 -31.11 -7.22
N GLU C 84 -22.35 -30.69 -8.38
CA GLU C 84 -21.81 -31.66 -9.32
C GLU C 84 -20.63 -32.37 -8.68
N ALA C 85 -20.77 -33.68 -8.51
CA ALA C 85 -19.71 -34.48 -7.91
C ALA C 85 -19.19 -35.52 -8.90
N ALA C 86 -17.94 -35.36 -9.31
CA ALA C 86 -17.34 -36.25 -10.30
C ALA C 86 -16.52 -37.35 -9.65
N PRO C 87 -16.94 -38.61 -9.84
CA PRO C 87 -16.11 -39.71 -9.33
C PRO C 87 -14.86 -39.87 -10.19
N HIS C 88 -13.76 -40.22 -9.55
CA HIS C 88 -12.58 -40.68 -10.27
C HIS C 88 -12.81 -42.14 -10.63
N LEU C 89 -12.38 -42.54 -11.82
CA LEU C 89 -12.51 -43.90 -12.31
C LEU C 89 -11.20 -44.30 -12.95
N THR C 90 -10.65 -45.44 -12.53
CA THR C 90 -9.41 -45.94 -13.10
C THR C 90 -9.68 -47.23 -13.85
N CYS C 91 -8.75 -47.61 -14.72
CA CYS C 91 -8.87 -48.90 -15.40
C CYS C 91 -7.75 -49.88 -15.05
N ILE C 92 -6.98 -49.53 -14.02
CA ILE C 92 -5.94 -50.41 -13.50
C ILE C 92 -6.55 -51.41 -12.52
N ASP C 93 -7.88 -51.45 -12.46
CA ASP C 93 -8.58 -52.29 -11.50
C ASP C 93 -9.46 -53.33 -12.16
N ALA C 94 -10.39 -52.89 -13.00
CA ALA C 94 -11.37 -53.78 -13.60
C ALA C 94 -11.12 -54.02 -15.09
N THR C 95 -11.99 -54.83 -15.69
CA THR C 95 -11.88 -55.19 -17.10
C THR C 95 -12.72 -54.25 -17.97
N PRO C 96 -12.36 -54.15 -19.26
CA PRO C 96 -13.06 -53.27 -20.21
C PRO C 96 -14.57 -53.47 -20.18
N ASP C 97 -15.01 -54.66 -19.81
CA ASP C 97 -16.44 -54.96 -19.72
C ASP C 97 -17.02 -54.43 -18.43
N GLU C 98 -16.32 -54.65 -17.32
CA GLU C 98 -16.77 -54.21 -16.01
C GLU C 98 -16.91 -52.69 -15.96
N LEU C 99 -16.01 -52.00 -16.63
CA LEU C 99 -16.05 -50.53 -16.69
C LEU C 99 -17.34 -50.04 -17.32
N ARG C 100 -17.70 -50.63 -18.45
CA ARG C 100 -18.93 -50.27 -19.13
C ARG C 100 -20.13 -50.44 -18.21
N THR C 101 -20.07 -51.46 -17.35
CA THR C 101 -21.13 -51.72 -16.39
C THR C 101 -21.09 -50.71 -15.25
N ILE C 102 -19.88 -50.31 -14.86
CA ILE C 102 -19.70 -49.36 -13.77
C ILE C 102 -20.01 -47.94 -14.24
N ALA C 103 -19.66 -47.64 -15.48
CA ALA C 103 -19.90 -46.31 -16.05
C ALA C 103 -21.38 -46.11 -16.34
N ARG C 104 -22.00 -47.11 -16.97
CA ARG C 104 -23.42 -47.05 -17.28
C ARG C 104 -24.24 -46.88 -16.01
N ASP C 105 -23.68 -47.35 -14.89
CA ASP C 105 -24.35 -47.23 -13.60
C ASP C 105 -24.38 -45.78 -13.13
N TYR C 106 -23.25 -45.09 -13.28
CA TYR C 106 -23.15 -43.69 -12.88
C TYR C 106 -24.10 -42.81 -13.68
N TRP C 107 -24.04 -42.92 -15.00
CA TRP C 107 -24.87 -42.11 -15.88
C TRP C 107 -26.35 -42.33 -15.62
N ASN C 108 -26.67 -43.46 -14.99
CA ASN C 108 -28.06 -43.80 -14.70
C ASN C 108 -28.52 -43.28 -13.34
N ASN C 109 -27.66 -42.53 -12.66
CA ASN C 109 -27.97 -42.00 -11.35
C ASN C 109 -27.91 -40.47 -11.31
N GLY C 110 -27.32 -39.87 -12.33
CA GLY C 110 -27.19 -38.43 -12.40
C GLY C 110 -25.74 -37.98 -12.50
N ILE C 111 -24.84 -38.95 -12.57
CA ILE C 111 -23.41 -38.65 -12.69
C ILE C 111 -23.03 -38.39 -14.14
N ARG C 112 -22.75 -37.13 -14.46
CA ARG C 112 -22.47 -36.74 -15.84
C ARG C 112 -21.00 -36.35 -16.04
N HIS C 113 -20.26 -36.28 -14.94
CA HIS C 113 -18.84 -35.89 -15.00
C HIS C 113 -17.98 -36.96 -14.33
N ILE C 114 -16.94 -37.39 -15.04
CA ILE C 114 -16.04 -38.43 -14.53
C ILE C 114 -14.58 -38.04 -14.74
N VAL C 115 -13.75 -38.24 -13.72
CA VAL C 115 -12.31 -38.07 -13.88
C VAL C 115 -11.68 -39.39 -14.33
N ALA C 116 -11.31 -39.46 -15.60
CA ALA C 116 -10.81 -40.70 -16.21
C ALA C 116 -9.28 -40.82 -16.09
N LEU C 117 -8.84 -41.86 -15.37
CA LEU C 117 -7.42 -42.08 -15.10
C LEU C 117 -7.03 -43.51 -15.45
N ARG C 118 -5.75 -43.73 -15.70
CA ARG C 118 -5.27 -45.10 -15.86
C ARG C 118 -5.24 -45.76 -14.50
N GLY C 119 -4.83 -44.99 -13.49
CA GLY C 119 -4.73 -45.51 -12.14
C GLY C 119 -3.30 -45.74 -11.70
N ASP C 120 -3.03 -45.40 -10.44
CA ASP C 120 -1.74 -45.71 -9.82
C ASP C 120 -1.38 -47.15 -10.09
N GLU C 129 -3.02 -52.74 -19.07
CA GLU C 129 -3.70 -53.16 -20.30
C GLU C 129 -4.08 -51.96 -21.16
N MET C 130 -5.17 -51.30 -20.77
CA MET C 130 -5.59 -50.07 -21.45
C MET C 130 -5.03 -48.86 -20.74
N TYR C 131 -4.86 -47.78 -21.49
CA TYR C 131 -4.41 -46.50 -20.93
C TYR C 131 -5.60 -45.57 -20.76
N ALA C 132 -5.38 -44.42 -20.12
CA ALA C 132 -6.48 -43.49 -19.91
C ALA C 132 -7.15 -43.09 -21.22
N SER C 133 -6.35 -42.91 -22.27
CA SER C 133 -6.90 -42.57 -23.57
C SER C 133 -7.95 -43.62 -23.99
N ASP C 134 -7.70 -44.86 -23.63
CA ASP C 134 -8.66 -45.94 -23.90
C ASP C 134 -9.93 -45.77 -23.06
N LEU C 135 -9.79 -45.26 -21.83
CA LEU C 135 -10.95 -45.11 -20.96
C LEU C 135 -11.84 -43.96 -21.38
N VAL C 136 -11.22 -42.87 -21.84
CA VAL C 136 -11.99 -41.74 -22.36
C VAL C 136 -12.86 -42.24 -23.51
N THR C 137 -12.24 -42.93 -24.47
CA THR C 137 -12.94 -43.42 -25.66
C THR C 137 -14.10 -44.35 -25.30
N LEU C 138 -13.86 -45.18 -24.29
CA LEU C 138 -14.86 -46.12 -23.80
C LEU C 138 -16.03 -45.39 -23.16
N LEU C 139 -15.72 -44.44 -22.28
CA LEU C 139 -16.77 -43.67 -21.62
C LEU C 139 -17.60 -42.88 -22.63
N LYS C 140 -16.92 -42.31 -23.62
CA LYS C 140 -17.58 -41.53 -24.65
C LYS C 140 -18.47 -42.45 -25.47
N GLU C 141 -18.03 -43.68 -25.63
CA GLU C 141 -18.80 -44.69 -26.37
C GLU C 141 -20.03 -45.11 -25.58
N VAL C 142 -20.01 -44.86 -24.27
CA VAL C 142 -21.13 -45.20 -23.40
C VAL C 142 -22.14 -44.06 -23.32
N ALA C 143 -21.64 -42.85 -23.12
CA ALA C 143 -22.50 -41.67 -23.02
C ALA C 143 -21.71 -40.39 -23.28
N ASP C 144 -22.40 -39.26 -23.27
CA ASP C 144 -21.77 -37.97 -23.54
C ASP C 144 -21.31 -37.30 -22.25
N PHE C 145 -20.50 -38.02 -21.49
CA PHE C 145 -19.97 -37.53 -20.22
C PHE C 145 -19.12 -36.28 -20.39
N ASP C 146 -19.02 -35.50 -19.32
CA ASP C 146 -17.92 -34.55 -19.17
C ASP C 146 -16.74 -35.40 -18.71
N ILE C 147 -15.60 -35.28 -19.37
CA ILE C 147 -14.44 -36.09 -19.00
C ILE C 147 -13.21 -35.24 -18.66
N SER C 148 -12.73 -35.40 -17.44
CA SER C 148 -11.51 -34.73 -16.99
C SER C 148 -10.35 -35.74 -16.95
N VAL C 149 -9.19 -35.35 -17.48
CA VAL C 149 -8.01 -36.23 -17.45
C VAL C 149 -6.81 -35.55 -16.79
N ALA C 150 -5.79 -36.35 -16.50
CA ALA C 150 -4.61 -35.87 -15.75
C ALA C 150 -3.54 -35.35 -16.70
N ALA C 151 -2.91 -34.23 -16.32
CA ALA C 151 -1.76 -33.68 -17.05
C ALA C 151 -0.56 -33.56 -16.11
N TYR C 152 0.64 -33.59 -16.69
CA TYR C 152 1.86 -33.61 -15.88
C TYR C 152 2.87 -32.60 -16.38
N PRO C 153 2.86 -31.39 -15.80
CA PRO C 153 3.77 -30.33 -16.23
C PRO C 153 5.23 -30.77 -16.18
N GLU C 154 5.56 -31.67 -15.25
CA GLU C 154 6.94 -32.09 -15.05
C GLU C 154 7.14 -33.54 -15.52
N VAL C 155 6.18 -33.99 -16.34
CA VAL C 155 6.26 -35.27 -17.03
C VAL C 155 5.93 -36.43 -16.10
N HIS C 156 4.97 -37.24 -16.52
CA HIS C 156 4.64 -38.47 -15.80
C HIS C 156 5.87 -39.37 -15.68
N PRO C 157 6.11 -39.93 -14.50
CA PRO C 157 7.31 -40.72 -14.22
C PRO C 157 7.60 -41.85 -15.22
N GLU C 158 6.57 -42.49 -15.76
CA GLU C 158 6.77 -43.62 -16.67
C GLU C 158 7.07 -43.20 -18.11
N ALA C 159 6.66 -41.99 -18.48
CA ALA C 159 6.80 -41.53 -19.86
C ALA C 159 8.26 -41.51 -20.33
N LYS C 160 8.45 -41.92 -21.57
CA LYS C 160 9.78 -42.00 -22.16
C LYS C 160 10.41 -40.63 -22.35
N SER C 161 9.56 -39.62 -22.57
CA SER C 161 10.05 -38.27 -22.77
C SER C 161 8.92 -37.26 -22.53
N ALA C 162 9.29 -36.00 -22.39
CA ALA C 162 8.31 -34.94 -22.20
C ALA C 162 7.36 -34.89 -23.39
N GLN C 163 7.91 -35.00 -24.60
CA GLN C 163 7.09 -34.89 -25.79
C GLN C 163 6.10 -36.03 -25.92
N ALA C 164 6.52 -37.24 -25.59
CA ALA C 164 5.63 -38.40 -25.67
C ALA C 164 4.46 -38.27 -24.71
N ASP C 165 4.75 -37.81 -23.49
CA ASP C 165 3.72 -37.62 -22.49
C ASP C 165 2.77 -36.50 -22.95
N LEU C 166 3.33 -35.47 -23.57
CA LEU C 166 2.52 -34.37 -24.11
C LEU C 166 1.58 -34.88 -25.20
N LEU C 167 2.11 -35.67 -26.13
CA LEU C 167 1.30 -36.23 -27.20
C LEU C 167 0.21 -37.14 -26.64
N ASN C 168 0.50 -37.81 -25.52
CA ASN C 168 -0.50 -38.61 -24.85
C ASN C 168 -1.69 -37.81 -24.31
N LEU C 169 -1.39 -36.69 -23.66
CA LEU C 169 -2.45 -35.79 -23.20
C LEU C 169 -3.33 -35.41 -24.38
N LYS C 170 -2.68 -35.04 -25.49
CA LYS C 170 -3.38 -34.71 -26.72
C LYS C 170 -4.27 -35.85 -27.19
N ARG C 171 -3.78 -37.08 -27.10
CA ARG C 171 -4.59 -38.26 -27.43
C ARG C 171 -5.84 -38.32 -26.55
N LYS C 172 -5.67 -38.04 -25.26
CA LYS C 172 -6.76 -38.15 -24.31
C LYS C 172 -7.80 -37.09 -24.56
N VAL C 173 -7.33 -35.89 -24.91
CA VAL C 173 -8.23 -34.81 -25.27
C VAL C 173 -8.93 -35.11 -26.58
N ASP C 174 -8.17 -35.58 -27.57
CA ASP C 174 -8.74 -35.93 -28.87
C ASP C 174 -9.78 -37.04 -28.74
N ALA C 175 -9.61 -37.90 -27.73
CA ALA C 175 -10.56 -38.98 -27.49
C ALA C 175 -11.86 -38.50 -26.84
N GLY C 176 -11.84 -37.28 -26.30
CA GLY C 176 -13.06 -36.70 -25.76
C GLY C 176 -12.95 -36.01 -24.41
N ALA C 177 -11.75 -35.94 -23.86
CA ALA C 177 -11.52 -35.21 -22.62
C ALA C 177 -11.66 -33.71 -22.87
N ASN C 178 -12.46 -33.04 -22.04
CA ASN C 178 -12.66 -31.59 -22.21
C ASN C 178 -12.00 -30.73 -21.15
N ARG C 179 -11.46 -31.36 -20.12
CA ARG C 179 -10.65 -30.69 -19.11
C ARG C 179 -9.38 -31.50 -18.87
N ALA C 180 -8.26 -30.81 -18.68
CA ALA C 180 -7.08 -31.45 -18.11
C ALA C 180 -6.83 -30.84 -16.74
N ILE C 181 -6.46 -31.68 -15.79
CA ILE C 181 -6.10 -31.20 -14.45
C ILE C 181 -4.67 -31.64 -14.14
N THR C 182 -3.83 -30.71 -13.71
CA THR C 182 -2.43 -31.03 -13.50
C THR C 182 -2.16 -31.72 -12.17
N GLN C 183 -1.15 -32.59 -12.17
CA GLN C 183 -0.49 -32.99 -10.95
C GLN C 183 -0.10 -31.70 -10.25
N PHE C 184 0.00 -31.73 -8.93
CA PHE C 184 0.44 -30.53 -8.22
C PHE C 184 1.88 -30.20 -8.62
N PHE C 185 2.24 -28.93 -8.43
CA PHE C 185 3.57 -28.46 -8.76
C PHE C 185 3.89 -27.30 -7.82
N PHE C 186 5.17 -27.00 -7.65
CA PHE C 186 5.55 -25.85 -6.82
C PHE C 186 6.33 -24.81 -7.59
N ASP C 187 6.86 -25.22 -8.73
CA ASP C 187 7.55 -24.31 -9.65
C ASP C 187 6.54 -23.78 -10.66
N VAL C 188 6.13 -22.53 -10.48
CA VAL C 188 5.09 -21.96 -11.33
C VAL C 188 5.53 -21.88 -12.78
N GLU C 189 6.82 -21.65 -13.01
CA GLU C 189 7.33 -21.55 -14.37
C GLU C 189 7.18 -22.87 -15.12
N SER C 190 7.31 -23.97 -14.39
CA SER C 190 7.16 -25.29 -15.00
C SER C 190 5.74 -25.44 -15.55
N TYR C 191 4.76 -24.99 -14.78
CA TYR C 191 3.38 -25.03 -15.23
C TYR C 191 3.15 -24.12 -16.44
N LEU C 192 3.63 -22.88 -16.35
CA LEU C 192 3.45 -21.91 -17.42
C LEU C 192 4.10 -22.35 -18.74
N ARG C 193 5.31 -22.88 -18.67
CA ARG C 193 5.98 -23.37 -19.88
C ARG C 193 5.22 -24.55 -20.46
N PHE C 194 4.69 -25.40 -19.59
CA PHE C 194 3.92 -26.57 -20.04
C PHE C 194 2.63 -26.14 -20.71
N ARG C 195 1.96 -25.13 -20.16
CA ARG C 195 0.73 -24.61 -20.72
CA ARG C 195 0.73 -24.62 -20.73
C ARG C 195 0.96 -24.08 -22.13
N ASP C 196 2.10 -23.42 -22.34
CA ASP C 196 2.46 -22.89 -23.64
C ASP C 196 2.71 -24.04 -24.61
N ARG C 197 3.45 -25.04 -24.15
CA ARG C 197 3.74 -26.20 -24.99
C ARG C 197 2.45 -26.92 -25.38
N CYS C 198 1.47 -26.95 -24.49
CA CYS C 198 0.19 -27.59 -24.81
C CYS C 198 -0.50 -26.88 -25.99
N VAL C 199 -0.63 -25.56 -25.92
CA VAL C 199 -1.27 -24.85 -27.02
C VAL C 199 -0.51 -25.03 -28.33
N SER C 200 0.81 -25.06 -28.26
CA SER C 200 1.61 -25.23 -29.47
C SER C 200 1.39 -26.60 -30.08
N ALA C 201 0.96 -27.55 -29.25
CA ALA C 201 0.70 -28.91 -29.68
C ALA C 201 -0.76 -29.09 -30.13
N GLY C 202 -1.54 -28.00 -30.09
CA GLY C 202 -2.89 -28.04 -30.62
C GLY C 202 -3.93 -28.56 -29.64
N ILE C 203 -3.57 -28.62 -28.36
CA ILE C 203 -4.50 -29.02 -27.31
C ILE C 203 -5.42 -27.85 -26.92
N ASP C 204 -6.71 -27.99 -27.21
CA ASP C 204 -7.67 -26.89 -27.10
C ASP C 204 -8.48 -26.87 -25.81
N VAL C 205 -8.01 -27.57 -24.79
CA VAL C 205 -8.67 -27.53 -23.49
C VAL C 205 -7.81 -26.75 -22.53
N GLU C 206 -8.41 -26.25 -21.45
CA GLU C 206 -7.63 -25.59 -20.42
C GLU C 206 -6.77 -26.60 -19.66
N ILE C 207 -5.60 -26.16 -19.22
CA ILE C 207 -4.74 -26.99 -18.38
C ILE C 207 -4.91 -26.51 -16.94
N ILE C 208 -5.89 -27.07 -16.25
CA ILE C 208 -6.29 -26.57 -14.93
C ILE C 208 -5.26 -26.92 -13.88
N PRO C 209 -4.73 -25.92 -13.18
CA PRO C 209 -3.71 -26.25 -12.19
C PRO C 209 -4.31 -26.97 -10.97
N GLY C 210 -3.76 -28.13 -10.65
CA GLY C 210 -4.04 -28.78 -9.38
C GLY C 210 -3.16 -28.16 -8.30
N ILE C 211 -3.78 -27.62 -7.26
CA ILE C 211 -3.04 -26.94 -6.20
C ILE C 211 -3.01 -27.80 -4.93
N LEU C 212 -1.81 -28.05 -4.40
CA LEU C 212 -1.67 -28.77 -3.15
C LEU C 212 -1.18 -27.80 -2.08
N PRO C 213 -2.10 -27.32 -1.23
CA PRO C 213 -1.67 -26.47 -0.11
C PRO C 213 -0.91 -27.33 0.88
N VAL C 214 0.27 -26.87 1.29
CA VAL C 214 1.15 -27.70 2.11
C VAL C 214 1.12 -27.25 3.56
N SER C 215 0.65 -28.15 4.44
CA SER C 215 0.75 -27.91 5.86
C SER C 215 1.72 -28.91 6.50
N ASN C 216 2.00 -30.00 5.81
CA ASN C 216 2.94 -31.01 6.30
C ASN C 216 3.98 -31.24 5.22
N PHE C 217 5.18 -30.71 5.42
CA PHE C 217 6.20 -30.75 4.40
C PHE C 217 6.77 -32.15 4.20
N LYS C 218 6.96 -32.87 5.30
CA LYS C 218 7.39 -34.26 5.20
C LYS C 218 6.49 -35.04 4.26
N GLN C 219 5.18 -34.93 4.48
CA GLN C 219 4.18 -35.65 3.69
C GLN C 219 4.16 -35.20 2.22
N ALA C 220 4.25 -33.89 2.01
CA ALA C 220 4.24 -33.34 0.67
C ALA C 220 5.49 -33.79 -0.08
N LYS C 221 6.61 -33.85 0.63
CA LYS C 221 7.86 -34.27 0.01
C LYS C 221 7.80 -35.73 -0.45
N LYS C 222 7.19 -36.59 0.38
CA LYS C 222 6.97 -37.98 0.04
C LYS C 222 6.12 -38.11 -1.22
N LEU C 223 5.01 -37.39 -1.24
CA LEU C 223 4.11 -37.39 -2.40
C LEU C 223 4.84 -36.94 -3.66
N ALA C 224 5.61 -35.85 -3.53
CA ALA C 224 6.34 -35.29 -4.66
C ALA C 224 7.38 -36.26 -5.22
N ASP C 225 8.04 -36.98 -4.33
CA ASP C 225 9.06 -37.94 -4.74
C ASP C 225 8.44 -39.16 -5.43
N MET C 226 7.17 -39.42 -5.15
CA MET C 226 6.46 -40.53 -5.79
C MET C 226 5.95 -40.16 -7.17
N THR C 227 5.75 -38.87 -7.39
CA THR C 227 5.08 -38.40 -8.59
C THR C 227 5.97 -37.58 -9.51
N ASN C 228 7.26 -37.53 -9.20
CA ASN C 228 8.23 -36.80 -10.01
C ASN C 228 7.98 -35.30 -10.03
N VAL C 229 7.40 -34.78 -8.95
CA VAL C 229 7.21 -33.35 -8.80
C VAL C 229 8.42 -32.77 -8.08
N ARG C 230 8.98 -31.70 -8.64
CA ARG C 230 10.17 -31.09 -8.06
C ARG C 230 9.82 -30.17 -6.90
N ILE C 231 10.60 -30.28 -5.83
CA ILE C 231 10.50 -29.35 -4.72
CA ILE C 231 10.51 -29.36 -4.70
C ILE C 231 11.66 -28.37 -4.82
N PRO C 232 11.36 -27.13 -5.21
CA PRO C 232 12.42 -26.13 -5.37
C PRO C 232 13.27 -25.98 -4.12
N ALA C 233 14.53 -25.60 -4.31
CA ALA C 233 15.43 -25.34 -3.20
C ALA C 233 14.85 -24.31 -2.25
N TRP C 234 14.25 -23.26 -2.81
CA TRP C 234 13.68 -22.21 -1.99
C TRP C 234 12.57 -22.74 -1.10
N MET C 235 11.83 -23.73 -1.58
CA MET C 235 10.70 -24.26 -0.81
C MET C 235 11.19 -25.18 0.30
N ALA C 236 12.16 -26.02 0.00
CA ALA C 236 12.76 -26.87 1.02
C ALA C 236 13.29 -26.00 2.16
N GLN C 237 13.94 -24.91 1.81
CA GLN C 237 14.52 -24.01 2.81
C GLN C 237 13.44 -23.32 3.64
N MET C 238 12.34 -22.97 2.97
CA MET C 238 11.23 -22.32 3.66
C MET C 238 10.61 -23.24 4.70
N PHE C 239 10.75 -24.55 4.52
CA PHE C 239 10.19 -25.49 5.48
C PHE C 239 11.25 -26.08 6.42
N ASP C 240 12.50 -25.76 6.17
CA ASP C 240 13.57 -26.25 7.02
C ASP C 240 13.35 -25.81 8.45
N GLY C 241 13.43 -26.77 9.37
CA GLY C 241 13.35 -26.48 10.78
C GLY C 241 11.95 -26.49 11.38
N LEU C 242 10.95 -26.81 10.56
CA LEU C 242 9.57 -26.75 11.03
C LEU C 242 8.92 -28.11 11.27
N ASP C 243 9.71 -29.17 11.35
CA ASP C 243 9.13 -30.50 11.56
C ASP C 243 8.14 -30.59 12.73
N ASP C 244 8.39 -29.80 13.78
CA ASP C 244 7.60 -29.88 15.00
C ASP C 244 6.78 -28.63 15.25
N ASP C 245 6.56 -27.84 14.21
CA ASP C 245 5.87 -26.56 14.35
C ASP C 245 4.74 -26.45 13.35
N ALA C 246 3.62 -27.12 13.67
CA ALA C 246 2.46 -27.16 12.79
C ALA C 246 1.92 -25.77 12.48
N GLU C 247 1.97 -24.89 13.47
CA GLU C 247 1.41 -23.53 13.31
C GLU C 247 2.16 -22.75 12.24
N THR C 248 3.48 -22.73 12.33
CA THR C 248 4.30 -22.00 11.38
C THR C 248 4.22 -22.65 10.00
N ARG C 249 4.16 -23.98 9.96
CA ARG C 249 4.04 -24.65 8.65
C ARG C 249 2.79 -24.19 7.93
N LYS C 250 1.70 -24.07 8.67
CA LYS C 250 0.43 -23.70 8.07
C LYS C 250 0.49 -22.29 7.48
N LEU C 251 1.07 -21.36 8.23
CA LEU C 251 1.16 -19.98 7.76
C LEU C 251 2.09 -19.90 6.56
N VAL C 252 3.18 -20.64 6.60
CA VAL C 252 4.15 -20.62 5.52
C VAL C 252 3.54 -21.25 4.26
N GLY C 253 2.86 -22.38 4.45
CA GLY C 253 2.23 -23.06 3.33
C GLY C 253 1.09 -22.27 2.72
N ALA C 254 0.31 -21.58 3.55
CA ALA C 254 -0.77 -20.76 3.02
C ALA C 254 -0.18 -19.63 2.19
N ASN C 255 0.91 -19.04 2.68
CA ASN C 255 1.60 -17.97 1.95
C ASN C 255 2.07 -18.43 0.57
N ILE C 256 2.73 -19.58 0.53
CA ILE C 256 3.20 -20.16 -0.72
C ILE C 256 2.05 -20.38 -1.71
N ALA C 257 0.95 -20.94 -1.24
CA ALA C 257 -0.17 -21.27 -2.12
C ALA C 257 -0.89 -20.01 -2.57
N MET C 258 -1.01 -19.03 -1.66
CA MET C 258 -1.66 -17.78 -2.04
C MET C 258 -0.84 -17.04 -3.09
N ASP C 259 0.48 -17.07 -2.94
CA ASP C 259 1.36 -16.42 -3.89
CA ASP C 259 1.35 -16.41 -3.88
C ASP C 259 1.23 -17.10 -5.25
N MET C 260 1.19 -18.43 -5.23
CA MET C 260 1.06 -19.20 -6.47
C MET C 260 -0.19 -18.85 -7.24
N VAL C 261 -1.34 -18.91 -6.58
CA VAL C 261 -2.59 -18.59 -7.29
C VAL C 261 -2.68 -17.13 -7.74
N LYS C 262 -2.07 -16.22 -6.98
CA LYS C 262 -2.03 -14.82 -7.39
C LYS C 262 -1.30 -14.67 -8.73
N ILE C 263 -0.14 -15.32 -8.85
CA ILE C 263 0.61 -15.29 -10.10
C ILE C 263 -0.15 -15.97 -11.23
N LEU C 264 -0.73 -17.12 -10.94
CA LEU C 264 -1.47 -17.87 -11.96
C LEU C 264 -2.65 -17.06 -12.47
N SER C 265 -3.36 -16.40 -11.57
CA SER C 265 -4.52 -15.59 -11.94
CA SER C 265 -4.52 -15.59 -11.94
C SER C 265 -4.13 -14.43 -12.85
N ARG C 266 -2.99 -13.79 -12.56
CA ARG C 266 -2.54 -12.70 -13.40
C ARG C 266 -2.16 -13.20 -14.79
N GLU C 267 -1.69 -14.44 -14.87
CA GLU C 267 -1.35 -15.07 -16.13
C GLU C 267 -2.59 -15.57 -16.85
N GLY C 268 -3.76 -15.22 -16.32
CA GLY C 268 -5.01 -15.54 -16.99
C GLY C 268 -5.66 -16.86 -16.62
N VAL C 269 -5.12 -17.55 -15.62
CA VAL C 269 -5.73 -18.78 -15.19
C VAL C 269 -6.99 -18.45 -14.40
N LYS C 270 -8.12 -19.04 -14.78
CA LYS C 270 -9.37 -18.74 -14.10
C LYS C 270 -10.04 -19.99 -13.56
N ASP C 271 -9.28 -21.07 -13.51
CA ASP C 271 -9.76 -22.35 -12.99
C ASP C 271 -8.68 -22.95 -12.10
N PHE C 272 -9.09 -23.41 -10.92
CA PHE C 272 -8.16 -24.03 -9.97
C PHE C 272 -8.80 -25.27 -9.34
N HIS C 273 -8.01 -26.34 -9.20
CA HIS C 273 -8.48 -27.60 -8.61
C HIS C 273 -7.66 -27.80 -7.33
N PHE C 274 -8.35 -27.93 -6.19
CA PHE C 274 -7.65 -28.05 -4.91
C PHE C 274 -7.59 -29.44 -4.35
N TYR C 275 -6.37 -29.89 -4.07
CA TYR C 275 -6.15 -31.17 -3.39
C TYR C 275 -6.26 -30.94 -1.90
N THR C 276 -7.49 -31.03 -1.38
CA THR C 276 -7.79 -30.65 -0.01
C THR C 276 -7.26 -31.65 1.00
N LEU C 277 -7.08 -32.89 0.58
CA LEU C 277 -6.82 -33.99 1.51
C LEU C 277 -7.85 -33.96 2.65
N ASN C 278 -9.08 -33.62 2.26
CA ASN C 278 -10.24 -33.62 3.14
C ASN C 278 -10.28 -32.53 4.21
N ARG C 279 -9.38 -31.57 4.10
CA ARG C 279 -9.33 -30.46 5.06
C ARG C 279 -9.74 -29.19 4.34
N ALA C 280 -10.53 -28.35 5.00
CA ALA C 280 -11.09 -27.18 4.34
C ALA C 280 -10.30 -25.89 4.54
N GLU C 281 -9.67 -25.73 5.70
CA GLU C 281 -9.16 -24.41 6.11
C GLU C 281 -8.25 -23.71 5.09
N MET C 282 -7.19 -24.39 4.65
CA MET C 282 -6.23 -23.80 3.70
CA MET C 282 -6.25 -23.77 3.72
C MET C 282 -6.87 -23.46 2.35
N SER C 283 -7.54 -24.43 1.75
CA SER C 283 -8.19 -24.20 0.45
C SER C 283 -9.23 -23.11 0.56
N TYR C 284 -9.94 -23.08 1.69
CA TYR C 284 -10.99 -22.07 1.89
C TYR C 284 -10.36 -20.67 1.90
N ALA C 285 -9.24 -20.55 2.59
CA ALA C 285 -8.55 -19.26 2.69
C ALA C 285 -7.98 -18.84 1.33
N ILE C 286 -7.38 -19.79 0.63
CA ILE C 286 -6.83 -19.49 -0.69
C ILE C 286 -7.95 -19.03 -1.63
N CYS C 287 -9.08 -19.74 -1.61
CA CYS C 287 -10.22 -19.32 -2.41
C CYS C 287 -10.66 -17.90 -2.06
N HIS C 288 -10.65 -17.59 -0.76
CA HIS C 288 -11.04 -16.27 -0.33
C HIS C 288 -10.19 -15.22 -1.01
N THR C 289 -8.88 -15.47 -1.09
CA THR C 289 -7.99 -14.50 -1.73
C THR C 289 -8.28 -14.35 -3.22
N LEU C 290 -8.86 -15.39 -3.82
CA LEU C 290 -9.24 -15.35 -5.23
C LEU C 290 -10.64 -14.75 -5.44
N GLY C 291 -11.24 -14.27 -4.35
CA GLY C 291 -12.57 -13.68 -4.45
C GLY C 291 -13.68 -14.70 -4.48
N VAL C 292 -13.32 -15.97 -4.23
CA VAL C 292 -14.30 -17.04 -4.14
C VAL C 292 -14.77 -17.14 -2.68
N ARG C 293 -15.93 -16.57 -2.40
CA ARG C 293 -16.42 -16.43 -1.02
C ARG C 293 -17.92 -16.76 -0.95
N PRO C 294 -18.43 -17.05 0.26
CA PRO C 294 -19.81 -17.50 0.40
C PRO C 294 -20.78 -16.39 0.03
#